data_2XUQ
#
_entry.id   2XUQ
#
_cell.length_a   78.600
_cell.length_b   109.700
_cell.length_c   227.939
_cell.angle_alpha   90.00
_cell.angle_beta   90.00
_cell.angle_gamma   90.00
#
_symmetry.space_group_name_H-M   'P 21 21 21'
#
loop_
_entity.id
_entity.type
_entity.pdbx_description
1 polymer ACETYLCHOLINESTERASE
2 non-polymer 'HEXAETHYLENE GLYCOL'
3 non-polymer 3,8-DIAMINO-6-PHENYL-5-[6-[1-[2-[(1,2,3,4-TETRAHYDRO-9-ACRIDINYL)AMINO]ETHYL]-1H-1,2,3-TRIAZOL-4-YL]HEXYL]-PHENANTHRIDINIUM
4 water water
#
_entity_poly.entity_id   1
_entity_poly.type   'polypeptide(L)'
_entity_poly.pdbx_seq_one_letter_code
;EGREDPQLLVRVRGGQLRGIRLKAPGGPVSAFLGIPFAEPPVGSRRFMPPEPKRPWSGVLDATTFQNVCYQYVDTLYPGF
EGTEMWNPNRELSEDCLYLNVWTPYPRPASPTPVLIWIYGGGFYSGAASLDVYDGRFLAQVEGAVLVSMNYRVGTFGFLA
LPGSREAPGNVGLLDQRLALQWVQENIAAFGGDPMSVTLFGESAGAASVGMHILSLPSRSLFHRAVLQSGTPNGPWATVS
AGEARRRATLLARLVGCPPGGAGGNDTELIACLRTRPAQDLVDHEWHVLPQESIFRFSFVPVVDGDFLSDTPEALINTGD
FQDLQVLVGVVKDEGSAFLVYGVPGFSKDNESLISRAQFLAGVRIGVPQASDLAAEAVVLHYTDWLHPEDPTHLRDAMSA
VVGDHNVVCPVAQLAGRLAAQGARVYAYIFEHRASTLTWPLWMGVPHGYEIEFIFGLPLDPSLNYTTEERIFAQRLMKYW
TNFARTGDPNDPRDSKSPQWPPYTTAAQQYVSLNLKPLEVRRGLRAQTCAFWNRFLPKLLSAT
;
_entity_poly.pdbx_strand_id   A,B
#
loop_
_chem_comp.id
_chem_comp.type
_chem_comp.name
_chem_comp.formula
P6G non-polymer 'HEXAETHYLENE GLYCOL' 'C12 H26 O7'
TZ4 non-polymer 3,8-DIAMINO-6-PHENYL-5-[6-[1-[2-[(1,2,3,4-TETRAHYDRO-9-ACRIDINYL)AMINO]ETHYL]-1H-1,2,3-TRIAZOL-4-YL]HEXYL]-PHENANTHRIDINIUM 'C42 H45 N8 1'
#
# COMPACT_ATOMS: atom_id res chain seq x y z
N GLU A 1 -62.11 17.64 25.19
CA GLU A 1 -61.66 18.73 24.25
C GLU A 1 -62.59 19.95 24.36
N GLY A 2 -62.87 20.57 23.22
CA GLY A 2 -63.71 21.76 23.21
C GLY A 2 -62.98 22.87 22.51
N ARG A 3 -61.96 23.40 23.18
CA ARG A 3 -61.26 24.60 22.73
C ARG A 3 -59.87 24.30 22.12
N GLU A 4 -59.57 23.04 21.84
CA GLU A 4 -58.27 22.62 21.27
C GLU A 4 -58.16 22.69 19.75
N ASP A 5 -56.93 22.78 19.23
CA ASP A 5 -56.68 22.78 17.79
C ASP A 5 -56.95 21.38 17.21
N PRO A 6 -58.00 21.25 16.38
CA PRO A 6 -58.46 19.96 15.84
C PRO A 6 -57.47 19.24 14.94
N GLN A 7 -56.35 19.87 14.60
CA GLN A 7 -55.33 19.20 13.80
C GLN A 7 -54.37 18.40 14.65
N LEU A 8 -54.50 18.52 15.97
CA LEU A 8 -53.53 17.96 16.90
C LEU A 8 -54.07 16.79 17.71
N LEU A 9 -55.32 16.41 17.43
CA LEU A 9 -55.93 15.28 18.11
C LEU A 9 -55.97 14.02 17.23
N VAL A 10 -55.15 13.03 17.59
CA VAL A 10 -55.04 11.81 16.77
C VAL A 10 -55.14 10.56 17.67
N ARG A 11 -55.83 9.54 17.17
CA ARG A 11 -55.96 8.26 17.86
C ARG A 11 -55.01 7.28 17.25
N VAL A 12 -54.39 6.45 18.09
CA VAL A 12 -53.54 5.33 17.66
C VAL A 12 -54.06 4.04 18.29
N ARG A 13 -53.41 2.90 18.05
CA ARG A 13 -53.90 1.61 18.57
C ARG A 13 -53.97 1.55 20.11
N GLY A 14 -53.12 2.32 20.78
CA GLY A 14 -53.20 2.42 22.23
C GLY A 14 -54.07 3.53 22.78
N GLY A 15 -54.61 4.40 21.92
CA GLY A 15 -55.50 5.45 22.42
C GLY A 15 -55.30 6.82 21.79
N GLN A 16 -55.89 7.83 22.43
CA GLN A 16 -55.86 9.20 21.91
C GLN A 16 -54.59 9.96 22.27
N LEU A 17 -54.09 10.78 21.34
CA LEU A 17 -52.91 11.61 21.59
C LEU A 17 -53.21 13.07 21.29
N ARG A 18 -52.61 13.97 22.05
CA ARG A 18 -52.64 15.39 21.75
C ARG A 18 -51.23 15.88 21.40
N GLY A 19 -51.05 16.31 20.16
CA GLY A 19 -49.76 16.82 19.70
C GLY A 19 -49.57 18.31 19.87
N ILE A 20 -48.58 18.84 19.17
CA ILE A 20 -48.28 20.25 19.29
C ILE A 20 -47.95 20.88 17.94
N ARG A 21 -48.42 22.10 17.77
CA ARG A 21 -48.12 22.90 16.59
CA ARG A 21 -48.13 22.90 16.60
C ARG A 21 -46.77 23.57 16.85
N LEU A 22 -45.77 23.25 16.03
CA LEU A 22 -44.42 23.84 16.15
C LEU A 22 -44.12 24.78 14.99
N LYS A 23 -43.33 25.82 15.22
CA LYS A 23 -42.90 26.75 14.16
C LYS A 23 -41.62 26.27 13.52
N ALA A 24 -41.69 25.93 12.24
CA ALA A 24 -40.49 25.80 11.44
C ALA A 24 -40.35 27.13 10.70
N PRO A 25 -39.13 27.48 10.25
CA PRO A 25 -38.90 28.75 9.52
C PRO A 25 -39.97 29.05 8.47
N GLY A 26 -40.31 28.07 7.65
CA GLY A 26 -41.23 28.29 6.53
C GLY A 26 -42.70 28.09 6.82
N GLY A 27 -43.06 27.70 8.03
CA GLY A 27 -44.46 27.44 8.39
C GLY A 27 -44.61 26.47 9.55
N PRO A 28 -45.87 26.14 9.92
CA PRO A 28 -46.09 25.27 11.09
C PRO A 28 -45.99 23.79 10.76
N VAL A 29 -45.61 22.98 11.75
CA VAL A 29 -45.65 21.52 11.62
C VAL A 29 -46.35 20.88 12.83
N SER A 30 -46.81 19.64 12.67
CA SER A 30 -47.44 18.91 13.77
C SER A 30 -46.43 17.97 14.38
N ALA A 31 -46.38 17.93 15.71
CA ALA A 31 -45.50 17.01 16.41
C ALA A 31 -46.23 16.26 17.50
N PHE A 32 -45.99 14.95 17.55
CA PHE A 32 -46.54 14.09 18.58
C PHE A 32 -45.33 13.46 19.22
N LEU A 33 -44.97 13.96 20.41
CA LEU A 33 -43.71 13.61 21.03
C LEU A 33 -43.94 12.79 22.29
N GLY A 34 -43.11 11.77 22.50
CA GLY A 34 -43.22 10.95 23.71
C GLY A 34 -44.37 9.95 23.70
N ILE A 35 -44.69 9.39 22.53
CA ILE A 35 -45.69 8.34 22.40
C ILE A 35 -45.11 7.03 22.93
N PRO A 36 -45.75 6.41 23.93
CA PRO A 36 -45.25 5.12 24.40
C PRO A 36 -45.48 4.01 23.41
N PHE A 37 -44.43 3.26 23.05
CA PHE A 37 -44.59 2.13 22.14
C PHE A 37 -44.28 0.80 22.80
N ALA A 38 -43.78 0.82 24.02
CA ALA A 38 -43.56 -0.41 24.81
C ALA A 38 -43.98 -0.29 26.28
N GLU A 39 -44.21 -1.42 26.94
CA GLU A 39 -44.34 -1.43 28.39
C GLU A 39 -42.99 -1.00 28.97
N PRO A 40 -42.97 -0.03 29.90
CA PRO A 40 -41.67 0.45 30.37
C PRO A 40 -40.80 -0.71 30.85
N PRO A 41 -39.60 -0.84 30.29
CA PRO A 41 -38.80 -2.04 30.56
C PRO A 41 -38.10 -2.01 31.91
N VAL A 42 -38.84 -1.69 32.96
CA VAL A 42 -38.30 -1.55 34.32
C VAL A 42 -38.49 -2.82 35.18
N GLY A 43 -37.86 -2.83 36.36
CA GLY A 43 -37.97 -3.94 37.31
C GLY A 43 -37.56 -5.29 36.74
N SER A 44 -38.51 -6.24 36.75
CA SER A 44 -38.27 -7.59 36.27
C SER A 44 -38.15 -7.66 34.74
N ARG A 45 -38.36 -6.53 34.08
CA ARG A 45 -38.27 -6.49 32.64
C ARG A 45 -36.92 -6.01 32.10
N ARG A 46 -36.06 -5.51 32.99
CA ARG A 46 -34.69 -5.12 32.63
C ARG A 46 -34.02 -6.28 31.94
N PHE A 47 -33.29 -5.97 30.86
CA PHE A 47 -32.62 -6.97 30.01
C PHE A 47 -33.54 -7.82 29.14
N MET A 48 -34.86 -7.74 29.34
CA MET A 48 -35.82 -8.61 28.60
C MET A 48 -36.34 -7.96 27.32
N PRO A 49 -36.75 -8.78 26.34
CA PRO A 49 -37.40 -8.26 25.13
C PRO A 49 -38.56 -7.36 25.51
N PRO A 50 -38.82 -6.31 24.73
CA PRO A 50 -39.89 -5.41 25.09
C PRO A 50 -41.27 -5.97 24.76
N GLU A 51 -42.23 -5.66 25.62
CA GLU A 51 -43.63 -5.99 25.39
C GLU A 51 -44.34 -4.76 24.81
N PRO A 52 -45.23 -4.97 23.81
CA PRO A 52 -46.09 -3.91 23.25
C PRO A 52 -46.78 -3.07 24.34
N LYS A 53 -46.87 -1.76 24.13
CA LYS A 53 -47.53 -0.87 25.07
C LYS A 53 -49.01 -1.20 25.25
N ARG A 54 -49.47 -1.20 26.49
CA ARG A 54 -50.86 -1.52 26.81
C ARG A 54 -51.75 -0.29 26.65
N PRO A 55 -52.89 -0.42 25.95
CA PRO A 55 -53.79 0.72 25.71
C PRO A 55 -54.00 1.58 26.95
N TRP A 56 -54.02 2.90 26.79
CA TRP A 56 -54.31 3.77 27.93
C TRP A 56 -55.72 4.35 27.79
N SER A 57 -56.11 5.18 28.75
CA SER A 57 -57.39 5.86 28.65
C SER A 57 -57.20 7.37 28.68
N GLY A 58 -58.17 8.08 28.14
CA GLY A 58 -58.06 9.51 28.01
C GLY A 58 -57.11 9.92 26.90
N VAL A 59 -56.81 11.21 26.87
CA VAL A 59 -55.99 11.76 25.82
C VAL A 59 -54.58 11.89 26.39
N LEU A 60 -53.67 11.04 25.91
CA LEU A 60 -52.27 11.11 26.32
C LEU A 60 -51.62 12.40 25.80
N ASP A 61 -50.91 13.09 26.67
CA ASP A 61 -50.20 14.29 26.26
C ASP A 61 -48.88 13.97 25.53
N ALA A 62 -48.80 14.42 24.28
CA ALA A 62 -47.66 14.15 23.43
C ALA A 62 -47.07 15.46 22.91
N THR A 63 -46.92 16.43 23.82
CA THR A 63 -46.39 17.74 23.46
C THR A 63 -44.89 17.94 23.77
N THR A 64 -44.27 16.96 24.44
CA THR A 64 -42.87 17.07 24.88
C THR A 64 -42.09 15.75 24.68
N PHE A 65 -40.76 15.85 24.57
CA PHE A 65 -39.93 14.66 24.49
C PHE A 65 -39.93 13.95 25.83
N GLN A 66 -39.99 12.63 25.82
CA GLN A 66 -39.94 11.86 27.06
C GLN A 66 -38.50 11.52 27.50
N ASN A 67 -38.37 10.73 28.56
CA ASN A 67 -37.05 10.40 29.12
C ASN A 67 -36.11 9.74 28.13
N VAL A 68 -34.83 9.94 28.40
CA VAL A 68 -33.75 9.38 27.63
C VAL A 68 -33.33 8.09 28.34
N CYS A 69 -33.03 7.05 27.56
CA CYS A 69 -32.63 5.77 28.12
C CYS A 69 -31.34 5.91 28.91
N TYR A 70 -31.21 5.11 29.97
CA TYR A 70 -30.13 5.24 30.91
C TYR A 70 -28.78 5.15 30.24
N GLN A 71 -27.88 6.11 30.51
CA GLN A 71 -26.59 6.11 29.81
C GLN A 71 -25.46 6.89 30.47
N TYR A 72 -24.25 6.63 29.98
CA TYR A 72 -23.09 7.36 30.42
C TYR A 72 -23.10 8.75 29.83
N VAL A 73 -23.23 9.76 30.67
CA VAL A 73 -23.09 11.17 30.27
C VAL A 73 -21.60 11.55 30.09
N ASP A 74 -21.27 12.07 28.91
CA ASP A 74 -19.90 12.48 28.55
C ASP A 74 -19.41 13.64 29.42
N THR A 75 -18.20 13.51 29.95
CA THR A 75 -17.60 14.53 30.81
C THR A 75 -16.15 14.82 30.42
N LEU A 76 -15.80 14.50 29.18
CA LEU A 76 -14.45 14.74 28.68
C LEU A 76 -14.12 16.25 28.69
N TYR A 77 -15.08 17.07 28.30
CA TYR A 77 -14.87 18.52 28.16
C TYR A 77 -16.07 19.33 28.68
N PRO A 78 -16.15 19.50 30.00
CA PRO A 78 -17.37 20.09 30.62
C PRO A 78 -17.70 21.52 30.17
N GLY A 79 -18.94 21.72 29.71
CA GLY A 79 -19.39 23.02 29.16
C GLY A 79 -19.17 23.17 27.64
N PHE A 80 -18.27 22.37 27.08
CA PHE A 80 -17.92 22.42 25.67
C PHE A 80 -19.09 21.96 24.81
N GLU A 81 -19.49 22.79 23.86
CA GLU A 81 -20.65 22.49 23.01
C GLU A 81 -20.42 21.20 22.20
N GLY A 82 -19.17 20.98 21.80
CA GLY A 82 -18.80 19.89 20.92
C GLY A 82 -19.16 18.52 21.42
N THR A 83 -19.24 18.38 22.74
CA THR A 83 -19.59 17.11 23.37
C THR A 83 -20.98 17.15 23.98
N GLU A 84 -21.34 18.30 24.55
CA GLU A 84 -22.65 18.43 25.17
C GLU A 84 -23.83 18.37 24.21
N MET A 85 -23.62 18.69 22.94
CA MET A 85 -24.74 18.57 22.00
C MET A 85 -25.20 17.12 21.78
N TRP A 86 -24.32 16.16 22.08
CA TRP A 86 -24.66 14.73 22.01
C TRP A 86 -25.20 14.14 23.34
N ASN A 87 -25.05 14.90 24.43
CA ASN A 87 -25.51 14.45 25.76
C ASN A 87 -27.03 14.52 25.93
N PRO A 88 -27.59 13.62 26.77
CA PRO A 88 -29.03 13.56 26.99
C PRO A 88 -29.57 14.94 27.32
N ASN A 89 -30.77 15.25 26.84
CA ASN A 89 -31.39 16.56 27.07
C ASN A 89 -32.76 16.41 27.72
N ARG A 90 -33.00 15.25 28.31
CA ARG A 90 -34.17 15.01 29.14
C ARG A 90 -33.68 14.14 30.29
N GLU A 91 -34.52 13.90 31.28
CA GLU A 91 -34.17 13.05 32.42
C GLU A 91 -33.71 11.67 31.94
N LEU A 92 -32.71 11.10 32.60
CA LEU A 92 -32.33 9.70 32.39
C LEU A 92 -33.26 8.78 33.18
N SER A 93 -33.80 7.76 32.50
CA SER A 93 -34.68 6.76 33.15
C SER A 93 -34.79 5.46 32.36
N GLU A 94 -35.02 4.34 33.05
CA GLU A 94 -35.14 3.03 32.39
C GLU A 94 -36.48 2.96 31.68
N ASP A 95 -37.39 3.82 32.11
CA ASP A 95 -38.67 4.05 31.48
C ASP A 95 -38.42 5.07 30.39
N CYS A 96 -38.03 4.58 29.21
CA CYS A 96 -37.62 5.46 28.10
C CYS A 96 -38.10 5.05 26.69
N LEU A 97 -38.91 4.00 26.61
CA LEU A 97 -39.32 3.48 25.32
C LEU A 97 -40.46 4.31 24.70
N TYR A 98 -40.11 5.45 24.14
CA TYR A 98 -41.08 6.36 23.56
C TYR A 98 -40.62 6.76 22.17
N LEU A 99 -41.53 7.18 21.30
CA LEU A 99 -41.15 7.61 19.96
C LEU A 99 -41.78 8.96 19.62
N ASN A 100 -41.28 9.59 18.56
CA ASN A 100 -41.72 10.93 18.13
C ASN A 100 -42.14 10.97 16.66
N VAL A 101 -43.12 11.79 16.32
CA VAL A 101 -43.60 11.90 14.95
C VAL A 101 -43.73 13.37 14.54
N TRP A 102 -43.17 13.72 13.39
CA TRP A 102 -43.39 15.04 12.80
C TRP A 102 -44.11 14.89 11.46
N THR A 103 -45.17 15.66 11.24
CA THR A 103 -45.90 15.62 9.98
C THR A 103 -46.21 17.05 9.56
N PRO A 104 -46.43 17.28 8.27
CA PRO A 104 -46.89 18.61 7.85
C PRO A 104 -48.12 19.09 8.61
N TYR A 105 -48.29 20.41 8.64
CA TYR A 105 -49.49 21.05 9.18
C TYR A 105 -50.18 21.82 8.05
N PRO A 106 -51.43 21.44 7.71
CA PRO A 106 -52.19 20.32 8.26
C PRO A 106 -51.66 18.99 7.72
N ARG A 107 -52.04 17.88 8.35
CA ARG A 107 -51.60 16.55 7.92
C ARG A 107 -51.97 16.35 6.47
N PRO A 108 -51.09 15.69 5.70
CA PRO A 108 -51.22 15.66 4.23
C PRO A 108 -52.44 14.86 3.79
N ALA A 109 -53.10 15.33 2.74
CA ALA A 109 -54.35 14.74 2.27
C ALA A 109 -54.18 13.29 1.78
N SER A 110 -53.05 13.04 1.10
CA SER A 110 -52.75 11.74 0.54
C SER A 110 -51.53 11.14 1.28
N PRO A 111 -51.39 9.78 1.31
CA PRO A 111 -50.33 9.11 2.08
C PRO A 111 -48.90 9.49 1.69
N THR A 112 -48.11 9.95 2.67
CA THR A 112 -46.74 10.44 2.48
C THR A 112 -45.69 9.40 2.87
N PRO A 113 -44.57 9.35 2.13
CA PRO A 113 -43.48 8.48 2.54
C PRO A 113 -42.97 8.80 3.94
N VAL A 114 -42.61 7.75 4.67
CA VAL A 114 -42.20 7.84 6.07
C VAL A 114 -40.69 7.66 6.18
N LEU A 115 -40.02 8.54 6.92
CA LEU A 115 -38.60 8.35 7.24
C LEU A 115 -38.49 8.01 8.70
N ILE A 116 -37.78 6.93 9.01
CA ILE A 116 -37.57 6.53 10.41
C ILE A 116 -36.11 6.66 10.81
N TRP A 117 -35.85 7.51 11.81
CA TRP A 117 -34.50 7.77 12.27
C TRP A 117 -34.10 6.92 13.44
N ILE A 118 -32.86 6.46 13.42
CA ILE A 118 -32.27 5.64 14.48
C ILE A 118 -30.93 6.24 14.89
N TYR A 119 -30.89 6.91 16.04
CA TYR A 119 -29.68 7.59 16.49
C TYR A 119 -28.52 6.63 16.75
N GLY A 120 -27.30 7.15 16.61
CA GLY A 120 -26.10 6.43 17.05
C GLY A 120 -25.67 6.90 18.43
N GLY A 121 -24.46 6.50 18.81
CA GLY A 121 -23.94 6.69 20.17
C GLY A 121 -23.26 5.41 20.65
N GLY A 122 -22.68 4.64 19.72
CA GLY A 122 -21.92 3.43 20.05
C GLY A 122 -22.70 2.36 20.80
N PHE A 123 -24.02 2.36 20.65
CA PHE A 123 -24.90 1.44 21.36
C PHE A 123 -24.88 1.64 22.88
N TYR A 124 -24.26 2.71 23.37
CA TYR A 124 -24.25 2.99 24.81
C TYR A 124 -24.85 4.36 25.12
N SER A 125 -25.28 5.12 24.11
CA SER A 125 -25.79 6.47 24.33
C SER A 125 -26.67 6.94 23.19
N GLY A 126 -27.32 8.06 23.40
CA GLY A 126 -28.13 8.64 22.36
C GLY A 126 -29.55 8.77 22.77
N ALA A 127 -30.28 9.60 22.04
CA ALA A 127 -31.66 9.90 22.32
C ALA A 127 -32.26 10.49 21.04
N ALA A 128 -33.52 10.19 20.76
CA ALA A 128 -34.15 10.71 19.54
C ALA A 128 -34.60 12.16 19.71
N SER A 129 -34.28 12.74 20.87
CA SER A 129 -34.74 14.08 21.24
C SER A 129 -33.67 15.15 21.16
N LEU A 130 -32.47 14.77 20.69
CA LEU A 130 -31.42 15.74 20.48
C LEU A 130 -31.84 16.76 19.42
N ASP A 131 -31.40 18.01 19.61
CA ASP A 131 -31.66 19.08 18.64
C ASP A 131 -31.29 18.80 17.19
N VAL A 132 -30.25 17.99 16.96
CA VAL A 132 -29.84 17.67 15.59
C VAL A 132 -30.70 16.62 14.93
N TYR A 133 -31.60 15.98 15.68
CA TYR A 133 -32.47 14.99 15.06
C TYR A 133 -33.90 15.54 14.88
N ASP A 134 -34.02 16.86 14.99
CA ASP A 134 -35.29 17.58 14.86
C ASP A 134 -35.94 17.36 13.49
N GLY A 135 -37.08 16.65 13.47
CA GLY A 135 -37.77 16.34 12.24
C GLY A 135 -38.60 17.46 11.62
N ARG A 136 -38.64 18.62 12.27
CA ARG A 136 -39.56 19.67 11.82
C ARG A 136 -39.24 20.22 10.44
N PHE A 137 -37.95 20.25 10.09
CA PHE A 137 -37.53 20.85 8.82
C PHE A 137 -37.83 19.94 7.66
N LEU A 138 -37.51 18.65 7.79
CA LEU A 138 -37.90 17.68 6.79
C LEU A 138 -39.45 17.56 6.69
N ALA A 139 -40.14 17.64 7.82
CA ALA A 139 -41.59 17.64 7.78
C ALA A 139 -42.16 18.84 7.00
N GLN A 140 -41.76 20.07 7.37
CA GLN A 140 -42.33 21.26 6.75
C GLN A 140 -41.88 21.42 5.32
N VAL A 141 -40.57 21.37 5.10
CA VAL A 141 -40.03 21.72 3.79
C VAL A 141 -40.31 20.64 2.75
N GLU A 142 -40.06 19.37 3.09
CA GLU A 142 -40.23 18.29 2.13
C GLU A 142 -41.56 17.56 2.24
N GLY A 143 -42.42 17.99 3.14
CA GLY A 143 -43.72 17.35 3.34
C GLY A 143 -43.64 15.93 3.90
N ALA A 144 -42.47 15.55 4.40
CA ALA A 144 -42.21 14.21 4.91
C ALA A 144 -42.85 13.93 6.28
N VAL A 145 -43.10 12.65 6.57
CA VAL A 145 -43.48 12.21 7.89
C VAL A 145 -42.25 11.56 8.49
N LEU A 146 -41.82 12.04 9.65
CA LEU A 146 -40.58 11.57 10.23
C LEU A 146 -40.81 10.99 11.62
N VAL A 147 -40.20 9.85 11.90
CA VAL A 147 -40.38 9.14 13.14
C VAL A 147 -39.02 8.85 13.70
N SER A 148 -38.86 9.08 15.00
CA SER A 148 -37.65 8.65 15.71
C SER A 148 -38.04 8.03 17.05
N MET A 149 -37.33 6.98 17.43
CA MET A 149 -37.64 6.23 18.63
C MET A 149 -36.46 6.20 19.56
N ASN A 150 -36.74 6.10 20.85
CA ASN A 150 -35.72 5.76 21.82
C ASN A 150 -35.56 4.25 21.82
N TYR A 151 -34.33 3.79 22.05
CA TYR A 151 -34.13 2.36 22.23
C TYR A 151 -33.08 2.22 23.31
N ARG A 152 -33.11 1.11 24.04
CA ARG A 152 -32.22 0.92 25.20
C ARG A 152 -30.78 0.80 24.78
N VAL A 153 -29.88 1.42 25.52
CA VAL A 153 -28.48 1.35 25.16
C VAL A 153 -27.68 0.70 26.29
N GLY A 154 -26.37 0.56 26.11
CA GLY A 154 -25.51 -0.01 27.13
C GLY A 154 -26.00 -1.36 27.68
N THR A 155 -25.70 -1.62 28.95
CA THR A 155 -26.13 -2.88 29.55
C THR A 155 -27.62 -3.10 29.33
N PHE A 156 -28.43 -2.07 29.55
CA PHE A 156 -29.88 -2.23 29.48
C PHE A 156 -30.35 -2.71 28.12
N GLY A 157 -29.60 -2.37 27.07
CA GLY A 157 -30.01 -2.70 25.73
C GLY A 157 -29.34 -3.93 25.16
N PHE A 158 -28.15 -4.27 25.69
CA PHE A 158 -27.28 -5.19 24.99
C PHE A 158 -26.49 -6.18 25.84
N LEU A 159 -26.60 -6.10 27.17
CA LEU A 159 -26.02 -7.12 28.01
C LEU A 159 -26.66 -8.45 27.66
N ALA A 160 -25.84 -9.43 27.27
CA ALA A 160 -26.36 -10.77 26.95
C ALA A 160 -25.70 -11.92 27.72
N LEU A 161 -26.53 -12.82 28.21
CA LEU A 161 -26.07 -14.14 28.58
C LEU A 161 -26.70 -15.11 27.58
N PRO A 162 -26.05 -15.26 26.40
CA PRO A 162 -26.66 -15.92 25.25
C PRO A 162 -27.13 -17.33 25.55
N GLY A 163 -28.39 -17.62 25.22
CA GLY A 163 -28.94 -18.93 25.42
C GLY A 163 -29.90 -18.89 26.56
N SER A 164 -29.76 -17.89 27.42
CA SER A 164 -30.70 -17.73 28.53
C SER A 164 -31.97 -17.08 28.02
N ARG A 165 -33.05 -17.21 28.79
CA ARG A 165 -34.32 -16.62 28.40
C ARG A 165 -34.50 -15.25 29.05
N GLU A 166 -33.74 -15.00 30.12
CA GLU A 166 -33.89 -13.79 30.94
C GLU A 166 -33.06 -12.61 30.44
N ALA A 167 -32.05 -12.90 29.62
CA ALA A 167 -31.12 -11.90 29.10
C ALA A 167 -30.55 -12.38 27.74
N PRO A 168 -31.42 -12.46 26.71
CA PRO A 168 -31.08 -13.10 25.44
C PRO A 168 -30.15 -12.28 24.54
N GLY A 169 -30.00 -11.00 24.86
CA GLY A 169 -29.24 -10.07 24.03
C GLY A 169 -30.06 -9.36 22.97
N ASN A 170 -29.44 -8.40 22.30
CA ASN A 170 -30.07 -7.64 21.23
C ASN A 170 -31.41 -6.95 21.55
N VAL A 171 -31.76 -6.81 22.83
CA VAL A 171 -33.10 -6.27 23.16
C VAL A 171 -33.23 -4.80 22.74
N GLY A 172 -32.10 -4.11 22.62
CA GLY A 172 -32.09 -2.75 22.07
C GLY A 172 -32.60 -2.75 20.63
N LEU A 173 -32.18 -3.75 19.84
CA LEU A 173 -32.64 -3.89 18.46
C LEU A 173 -34.12 -4.21 18.39
N LEU A 174 -34.55 -5.05 19.31
CA LEU A 174 -35.95 -5.40 19.46
C LEU A 174 -36.83 -4.22 19.86
N ASP A 175 -36.31 -3.28 20.64
CA ASP A 175 -37.02 -1.99 20.85
C ASP A 175 -37.26 -1.29 19.50
N GLN A 176 -36.21 -1.24 18.68
CA GLN A 176 -36.25 -0.60 17.39
C GLN A 176 -37.23 -1.32 16.49
N ARG A 177 -37.21 -2.65 16.53
CA ARG A 177 -38.15 -3.42 15.71
C ARG A 177 -39.60 -3.20 16.14
N LEU A 178 -39.83 -3.10 17.44
CA LEU A 178 -41.17 -2.84 17.96
C LEU A 178 -41.71 -1.51 17.46
N ALA A 179 -40.86 -0.48 17.46
CA ALA A 179 -41.27 0.83 16.93
C ALA A 179 -41.52 0.79 15.43
N LEU A 180 -40.85 -0.11 14.71
CA LEU A 180 -41.15 -0.27 13.29
C LEU A 180 -42.53 -0.92 13.13
N GLN A 181 -42.85 -1.91 13.95
CA GLN A 181 -44.20 -2.48 13.94
C GLN A 181 -45.24 -1.38 14.24
N TRP A 182 -44.96 -0.55 15.24
CA TRP A 182 -45.84 0.56 15.60
C TRP A 182 -46.12 1.44 14.42
N VAL A 183 -45.07 1.79 13.69
CA VAL A 183 -45.22 2.60 12.50
C VAL A 183 -46.13 1.91 11.48
N GLN A 184 -45.96 0.60 11.27
CA GLN A 184 -46.84 -0.11 10.33
C GLN A 184 -48.32 0.04 10.69
N GLU A 185 -48.65 -0.16 11.96
CA GLU A 185 -50.03 -0.17 12.36
C GLU A 185 -50.60 1.23 12.48
N ASN A 186 -49.79 2.17 12.94
CA ASN A 186 -50.30 3.47 13.35
C ASN A 186 -50.02 4.66 12.43
N ILE A 187 -48.96 4.60 11.62
CA ILE A 187 -48.53 5.78 10.86
C ILE A 187 -49.58 6.39 9.91
N ALA A 188 -50.53 5.61 9.41
CA ALA A 188 -51.56 6.16 8.53
C ALA A 188 -52.47 7.17 9.26
N ALA A 189 -52.62 7.03 10.57
CA ALA A 189 -53.39 7.98 11.35
C ALA A 189 -52.79 9.40 11.23
N PHE A 190 -51.51 9.47 10.87
CA PHE A 190 -50.80 10.74 10.77
C PHE A 190 -50.64 11.16 9.31
N GLY A 191 -51.12 10.32 8.39
CA GLY A 191 -50.99 10.57 6.96
C GLY A 191 -49.75 9.97 6.33
N GLY A 192 -49.04 9.13 7.09
CA GLY A 192 -47.88 8.40 6.56
C GLY A 192 -48.28 7.17 5.78
N ASP A 193 -47.45 6.79 4.80
CA ASP A 193 -47.70 5.63 3.98
C ASP A 193 -46.93 4.42 4.52
N PRO A 194 -47.64 3.49 5.19
CA PRO A 194 -46.92 2.35 5.77
C PRO A 194 -46.26 1.50 4.70
N MET A 195 -46.69 1.61 3.46
CA MET A 195 -46.08 0.86 2.37
C MET A 195 -44.83 1.53 1.79
N SER A 196 -44.43 2.65 2.37
CA SER A 196 -43.21 3.32 1.95
C SER A 196 -42.47 3.91 3.15
N VAL A 197 -41.57 3.10 3.72
CA VAL A 197 -40.83 3.43 4.93
C VAL A 197 -39.35 3.22 4.68
N THR A 198 -38.60 4.29 4.88
CA THR A 198 -37.17 4.26 4.74
C THR A 198 -36.56 4.43 6.13
N LEU A 199 -35.71 3.49 6.54
CA LEU A 199 -34.89 3.68 7.72
C LEU A 199 -33.68 4.52 7.35
N PHE A 200 -33.30 5.43 8.24
CA PHE A 200 -31.99 6.02 8.16
C PHE A 200 -31.41 6.19 9.55
N GLY A 201 -30.09 6.15 9.64
CA GLY A 201 -29.40 6.24 10.89
C GLY A 201 -27.95 6.52 10.67
N GLU A 202 -27.31 7.12 11.68
CA GLU A 202 -25.88 7.37 11.60
C GLU A 202 -25.10 6.57 12.67
N SER A 203 -23.84 6.26 12.37
CA SER A 203 -22.96 5.52 13.32
C SER A 203 -23.66 4.23 13.80
N ALA A 204 -23.75 4.00 15.12
CA ALA A 204 -24.52 2.85 15.62
C ALA A 204 -25.95 2.77 15.03
N GLY A 205 -26.52 3.93 14.72
CA GLY A 205 -27.83 3.96 14.10
C GLY A 205 -27.78 3.30 12.74
N ALA A 206 -26.76 3.65 11.96
CA ALA A 206 -26.49 2.99 10.70
C ALA A 206 -26.32 1.48 10.87
N ALA A 207 -25.44 1.08 11.79
CA ALA A 207 -25.23 -0.34 12.05
C ALA A 207 -26.56 -1.04 12.41
N SER A 208 -27.41 -0.35 13.16
CA SER A 208 -28.71 -0.90 13.49
C SER A 208 -29.57 -1.09 12.23
N VAL A 209 -29.55 -0.09 11.34
CA VAL A 209 -30.30 -0.18 10.08
C VAL A 209 -29.80 -1.42 9.35
N GLY A 210 -28.49 -1.54 9.19
CA GLY A 210 -27.89 -2.72 8.61
C GLY A 210 -28.35 -4.04 9.24
N MET A 211 -28.54 -4.04 10.54
CA MET A 211 -28.99 -5.26 11.20
C MET A 211 -30.44 -5.60 10.92
N HIS A 212 -31.26 -4.56 10.68
CA HIS A 212 -32.62 -4.79 10.27
C HIS A 212 -32.67 -5.37 8.85
N ILE A 213 -31.75 -4.95 8.00
CA ILE A 213 -31.63 -5.52 6.67
C ILE A 213 -31.28 -7.01 6.73
N LEU A 214 -30.45 -7.40 7.70
CA LEU A 214 -29.91 -8.76 7.76
C LEU A 214 -30.73 -9.68 8.67
N SER A 215 -31.77 -9.12 9.28
CA SER A 215 -32.64 -9.87 10.20
C SER A 215 -34.04 -9.96 9.59
N LEU A 216 -34.42 -11.16 9.15
CA LEU A 216 -35.65 -11.39 8.39
C LEU A 216 -36.96 -10.86 9.01
N PRO A 217 -37.17 -11.06 10.33
CA PRO A 217 -38.44 -10.50 10.82
C PRO A 217 -38.58 -8.99 10.68
N SER A 218 -37.46 -8.29 10.44
CA SER A 218 -37.51 -6.83 10.26
C SER A 218 -37.79 -6.42 8.83
N ARG A 219 -37.58 -7.34 7.91
CA ARG A 219 -37.61 -7.05 6.48
C ARG A 219 -38.97 -6.60 5.94
N SER A 220 -40.05 -7.09 6.52
CA SER A 220 -41.38 -6.70 6.09
C SER A 220 -41.81 -5.36 6.70
N LEU A 221 -40.91 -4.70 7.42
CA LEU A 221 -41.24 -3.46 8.16
C LEU A 221 -40.74 -2.18 7.53
N PHE A 222 -39.94 -2.30 6.47
CA PHE A 222 -39.39 -1.15 5.76
C PHE A 222 -39.05 -1.53 4.34
N HIS A 223 -38.79 -0.56 3.48
CA HIS A 223 -38.61 -0.86 2.06
C HIS A 223 -37.25 -0.41 1.52
N ARG A 224 -36.70 0.63 2.14
CA ARG A 224 -35.44 1.23 1.72
C ARG A 224 -34.59 1.61 2.95
N ALA A 225 -33.28 1.73 2.77
CA ALA A 225 -32.43 1.99 3.91
C ALA A 225 -31.25 2.90 3.59
N VAL A 226 -30.90 3.75 4.55
CA VAL A 226 -29.80 4.69 4.42
C VAL A 226 -28.81 4.47 5.56
N LEU A 227 -27.57 4.13 5.26
CA LEU A 227 -26.60 3.88 6.33
C LEU A 227 -25.53 4.98 6.35
N GLN A 228 -25.57 5.85 7.35
CA GLN A 228 -24.62 6.97 7.42
C GLN A 228 -23.45 6.64 8.33
N SER A 229 -22.23 6.63 7.80
CA SER A 229 -21.04 6.43 8.63
C SER A 229 -21.12 5.24 9.61
N GLY A 230 -21.65 4.11 9.19
CA GLY A 230 -21.71 2.93 10.03
C GLY A 230 -22.24 1.73 9.26
N THR A 231 -21.96 0.53 9.76
CA THR A 231 -22.28 -0.71 9.07
C THR A 231 -22.47 -1.85 10.06
N PRO A 232 -23.23 -2.92 9.69
CA PRO A 232 -23.36 -4.03 10.61
C PRO A 232 -22.09 -4.88 10.67
N ASN A 233 -21.42 -5.03 9.54
CA ASN A 233 -20.10 -5.63 9.48
C ASN A 233 -19.09 -4.64 10.08
N GLY A 234 -17.85 -5.09 10.29
CA GLY A 234 -16.82 -4.24 10.86
C GLY A 234 -16.44 -4.67 12.27
N PRO A 235 -15.46 -3.99 12.89
CA PRO A 235 -14.89 -4.53 14.11
C PRO A 235 -15.60 -4.17 15.40
N TRP A 236 -16.58 -3.26 15.35
CA TRP A 236 -17.14 -2.74 16.59
C TRP A 236 -18.63 -2.99 16.79
N ALA A 237 -19.38 -3.23 15.72
CA ALA A 237 -20.86 -3.30 15.81
C ALA A 237 -21.45 -4.60 16.39
N THR A 238 -20.67 -5.66 16.44
CA THR A 238 -21.15 -6.93 16.97
C THR A 238 -20.12 -7.60 17.84
N VAL A 239 -20.55 -8.59 18.60
CA VAL A 239 -19.65 -9.44 19.38
C VAL A 239 -20.10 -10.90 19.27
N SER A 240 -19.16 -11.83 19.38
CA SER A 240 -19.51 -13.25 19.43
C SER A 240 -20.32 -13.52 20.70
N ALA A 241 -21.05 -14.64 20.70
CA ALA A 241 -21.78 -15.03 21.89
C ALA A 241 -20.81 -15.18 23.07
N GLY A 242 -19.66 -15.81 22.83
CA GLY A 242 -18.66 -16.01 23.86
C GLY A 242 -18.25 -14.70 24.52
N GLU A 243 -17.85 -13.73 23.70
CA GLU A 243 -17.37 -12.46 24.20
C GLU A 243 -18.43 -11.74 25.01
N ALA A 244 -19.67 -11.71 24.53
CA ALA A 244 -20.74 -11.07 25.27
C ALA A 244 -21.00 -11.77 26.61
N ARG A 245 -20.87 -13.10 26.64
CA ARG A 245 -20.98 -13.84 27.91
C ARG A 245 -19.86 -13.42 28.87
N ARG A 246 -18.65 -13.31 28.36
CA ARG A 246 -17.52 -12.91 29.20
C ARG A 246 -17.75 -11.52 29.78
N ARG A 247 -18.22 -10.60 28.93
CA ARG A 247 -18.51 -9.23 29.35
C ARG A 247 -19.65 -9.10 30.35
N ALA A 248 -20.78 -9.76 30.10
CA ALA A 248 -21.89 -9.79 31.08
C ALA A 248 -21.42 -10.36 32.42
N THR A 249 -20.70 -11.46 32.36
CA THR A 249 -20.21 -12.13 33.56
C THR A 249 -19.24 -11.23 34.34
N LEU A 250 -18.29 -10.64 33.64
CA LEU A 250 -17.36 -9.71 34.27
C LEU A 250 -18.09 -8.53 34.91
N LEU A 251 -19.01 -7.89 34.19
CA LEU A 251 -19.76 -6.79 34.76
C LEU A 251 -20.49 -7.23 36.02
N ALA A 252 -21.18 -8.36 35.94
CA ALA A 252 -21.84 -8.93 37.11
C ALA A 252 -20.89 -8.95 38.32
N ARG A 253 -19.74 -9.58 38.17
CA ARG A 253 -18.74 -9.59 39.24
C ARG A 253 -18.42 -8.20 39.76
N LEU A 254 -18.12 -7.27 38.86
CA LEU A 254 -17.75 -5.90 39.23
C LEU A 254 -18.77 -5.18 40.10
N VAL A 255 -20.05 -5.54 39.96
CA VAL A 255 -21.13 -4.90 40.72
C VAL A 255 -21.61 -5.78 41.85
N GLY A 256 -20.86 -6.86 42.10
CA GLY A 256 -21.08 -7.72 43.25
C GLY A 256 -22.11 -8.80 43.06
N CYS A 257 -22.34 -9.19 41.81
CA CYS A 257 -23.24 -10.29 41.48
C CYS A 257 -22.39 -11.44 41.04
N PRO A 258 -21.98 -12.26 42.01
CA PRO A 258 -21.05 -13.29 41.58
C PRO A 258 -21.81 -14.43 40.91
N PRO A 259 -21.14 -15.14 39.98
CA PRO A 259 -21.53 -16.48 39.49
C PRO A 259 -21.97 -17.43 40.61
N ASN A 265 -24.81 -20.81 36.90
CA ASN A 265 -26.25 -20.63 36.66
C ASN A 265 -26.63 -19.17 36.30
N ASP A 266 -27.17 -19.01 35.09
CA ASP A 266 -27.55 -17.69 34.54
C ASP A 266 -28.67 -17.00 35.30
N THR A 267 -29.72 -17.74 35.65
CA THR A 267 -30.91 -17.17 36.25
C THR A 267 -30.58 -16.38 37.50
N GLU A 268 -29.85 -16.99 38.43
CA GLU A 268 -29.42 -16.36 39.68
C GLU A 268 -28.66 -15.04 39.44
N LEU A 269 -27.77 -15.05 38.45
CA LEU A 269 -26.91 -13.94 38.12
C LEU A 269 -27.72 -12.76 37.58
N ILE A 270 -28.63 -13.04 36.63
CA ILE A 270 -29.44 -11.99 36.00
C ILE A 270 -30.40 -11.43 37.02
N ALA A 271 -30.90 -12.29 37.91
CA ALA A 271 -31.75 -11.86 38.99
C ALA A 271 -31.04 -10.84 39.89
N CYS A 272 -29.76 -11.08 40.17
CA CYS A 272 -29.01 -10.20 41.05
C CYS A 272 -28.69 -8.91 40.30
N LEU A 273 -28.29 -9.01 39.04
CA LEU A 273 -28.16 -7.82 38.20
C LEU A 273 -29.42 -6.97 38.20
N ARG A 274 -30.59 -7.60 38.27
CA ARG A 274 -31.82 -6.83 38.25
C ARG A 274 -32.06 -6.10 39.53
N THR A 275 -31.31 -6.41 40.57
CA THR A 275 -31.54 -5.71 41.85
C THR A 275 -30.64 -4.49 41.95
N ARG A 276 -29.62 -4.44 41.11
CA ARG A 276 -28.67 -3.35 41.05
C ARG A 276 -29.30 -2.04 40.55
N PRO A 277 -28.87 -0.90 41.11
CA PRO A 277 -29.37 0.38 40.61
C PRO A 277 -28.77 0.68 39.26
N ALA A 278 -29.59 1.17 38.34
CA ALA A 278 -29.17 1.58 37.00
C ALA A 278 -27.78 2.24 36.94
N GLN A 279 -27.55 3.21 37.81
CA GLN A 279 -26.33 4.00 37.77
C GLN A 279 -25.10 3.14 38.10
N ASP A 280 -25.25 2.07 38.87
CA ASP A 280 -24.11 1.22 39.18
C ASP A 280 -23.72 0.38 37.97
N LEU A 281 -24.70 0.06 37.14
CA LEU A 281 -24.40 -0.59 35.88
C LEU A 281 -23.66 0.37 34.94
N VAL A 282 -24.11 1.61 34.83
CA VAL A 282 -23.42 2.57 33.97
C VAL A 282 -22.00 2.86 34.47
N ASP A 283 -21.85 3.12 35.77
CA ASP A 283 -20.54 3.40 36.37
C ASP A 283 -19.48 2.31 36.10
N HIS A 284 -19.91 1.11 35.73
CA HIS A 284 -18.98 -0.01 35.51
C HIS A 284 -18.90 -0.57 34.08
N GLU A 285 -19.71 -0.06 33.15
CA GLU A 285 -19.74 -0.66 31.80
C GLU A 285 -18.45 -0.54 31.00
N TRP A 286 -17.63 0.48 31.25
CA TRP A 286 -16.35 0.69 30.57
CA TRP A 286 -16.42 0.60 30.49
C TRP A 286 -15.35 -0.40 30.91
N HIS A 287 -15.47 -0.92 32.14
CA HIS A 287 -14.42 -1.79 32.71
C HIS A 287 -14.31 -3.20 32.15
N VAL A 288 -15.17 -3.53 31.19
CA VAL A 288 -15.24 -4.89 30.66
C VAL A 288 -14.59 -5.07 29.28
N LEU A 289 -13.98 -4.01 28.76
CA LEU A 289 -13.30 -4.10 27.46
C LEU A 289 -11.99 -4.86 27.58
N PRO A 290 -11.75 -5.82 26.67
CA PRO A 290 -10.58 -6.69 26.80
C PRO A 290 -9.23 -5.97 26.63
N GLN A 291 -9.19 -4.84 25.94
CA GLN A 291 -7.94 -4.10 25.80
C GLN A 291 -8.18 -2.62 25.97
N GLU A 292 -7.12 -1.84 26.16
CA GLU A 292 -7.15 -0.40 25.92
C GLU A 292 -7.45 -0.22 24.42
N SER A 293 -8.41 0.64 24.09
CA SER A 293 -8.86 0.78 22.70
C SER A 293 -9.69 2.03 22.42
N ILE A 294 -9.78 2.44 21.16
CA ILE A 294 -10.83 3.37 20.77
C ILE A 294 -11.73 2.79 19.71
N PHE A 295 -12.95 3.34 19.64
CA PHE A 295 -13.98 2.84 18.75
C PHE A 295 -14.34 1.39 19.08
N ARG A 296 -14.38 1.10 20.38
CA ARG A 296 -14.91 -0.17 20.89
C ARG A 296 -15.86 0.09 22.04
N PHE A 297 -17.00 -0.60 22.01
CA PHE A 297 -18.03 -0.33 22.99
C PHE A 297 -18.39 -1.66 23.66
N SER A 298 -18.73 -1.58 24.95
CA SER A 298 -18.82 -2.76 25.80
C SER A 298 -20.02 -3.66 25.51
N PHE A 299 -21.21 -3.07 25.44
CA PHE A 299 -22.42 -3.84 25.18
C PHE A 299 -23.04 -3.44 23.86
N VAL A 300 -22.82 -4.27 22.85
CA VAL A 300 -23.28 -4.06 21.48
C VAL A 300 -24.10 -5.29 20.98
N PRO A 301 -24.73 -5.21 19.78
CA PRO A 301 -25.41 -6.41 19.30
C PRO A 301 -24.54 -7.65 19.37
N VAL A 302 -25.12 -8.73 19.86
CA VAL A 302 -24.45 -10.04 19.87
C VAL A 302 -24.92 -10.92 18.68
N VAL A 303 -24.01 -11.72 18.13
CA VAL A 303 -24.36 -12.72 17.13
C VAL A 303 -24.96 -13.90 17.88
N ASP A 304 -26.28 -13.93 17.97
CA ASP A 304 -26.98 -14.88 18.85
C ASP A 304 -27.54 -16.14 18.20
N GLY A 305 -27.43 -16.25 16.88
CA GLY A 305 -28.16 -17.32 16.15
C GLY A 305 -29.68 -17.13 16.09
N ASP A 306 -30.17 -15.93 16.39
CA ASP A 306 -31.61 -15.63 16.46
C ASP A 306 -31.91 -14.31 15.71
N PHE A 307 -31.74 -13.17 16.38
CA PHE A 307 -31.80 -11.87 15.69
C PHE A 307 -30.78 -11.81 14.57
N LEU A 308 -29.54 -12.15 14.88
CA LEU A 308 -28.51 -12.32 13.87
C LEU A 308 -28.24 -13.81 13.68
N SER A 309 -28.64 -14.36 12.54
CA SER A 309 -28.55 -15.81 12.34
C SER A 309 -27.11 -16.26 12.11
N ASP A 310 -26.21 -15.30 11.91
CA ASP A 310 -24.78 -15.53 11.74
C ASP A 310 -24.08 -14.15 11.66
N THR A 311 -22.75 -14.13 11.74
CA THR A 311 -22.02 -12.88 11.71
C THR A 311 -22.47 -12.05 10.51
N PRO A 312 -22.57 -10.72 10.69
CA PRO A 312 -22.87 -9.85 9.57
C PRO A 312 -21.94 -10.04 8.37
N GLU A 313 -20.71 -10.49 8.60
CA GLU A 313 -19.76 -10.68 7.49
C GLU A 313 -20.30 -11.82 6.64
N ALA A 314 -20.68 -12.92 7.30
CA ALA A 314 -21.23 -14.07 6.64
C ALA A 314 -22.51 -13.70 5.92
N LEU A 315 -23.41 -12.98 6.60
CA LEU A 315 -24.74 -12.69 6.04
C LEU A 315 -24.72 -11.74 4.84
N ILE A 316 -23.80 -10.79 4.80
CA ILE A 316 -23.64 -9.94 3.61
C ILE A 316 -22.93 -10.65 2.45
N ASN A 317 -22.14 -11.68 2.74
CA ASN A 317 -21.44 -12.43 1.69
C ASN A 317 -22.36 -13.38 0.92
N THR A 318 -23.40 -13.89 1.59
CA THR A 318 -24.28 -14.89 1.00
C THR A 318 -25.74 -14.43 0.89
N GLY A 319 -25.97 -13.14 0.98
CA GLY A 319 -27.34 -12.63 0.93
C GLY A 319 -27.83 -12.29 -0.48
N ASP A 320 -29.12 -12.48 -0.67
CA ASP A 320 -29.79 -12.04 -1.87
C ASP A 320 -30.39 -10.67 -1.58
N PHE A 321 -29.90 -9.63 -2.26
CA PHE A 321 -30.39 -8.28 -1.99
C PHE A 321 -31.06 -7.59 -3.18
N GLN A 322 -31.68 -8.37 -4.05
CA GLN A 322 -32.26 -7.84 -5.30
C GLN A 322 -33.28 -6.74 -5.05
N ASP A 323 -34.27 -7.05 -4.24
CA ASP A 323 -35.40 -6.14 -4.10
C ASP A 323 -35.10 -5.07 -3.03
N LEU A 324 -33.94 -4.41 -3.16
CA LEU A 324 -33.43 -3.52 -2.10
C LEU A 324 -32.60 -2.33 -2.57
N GLN A 325 -33.05 -1.14 -2.18
CA GLN A 325 -32.32 0.09 -2.44
C GLN A 325 -31.66 0.65 -1.19
N VAL A 326 -30.39 1.01 -1.32
CA VAL A 326 -29.62 1.48 -0.19
C VAL A 326 -28.76 2.67 -0.57
N LEU A 327 -28.86 3.73 0.22
CA LEU A 327 -27.94 4.85 0.17
C LEU A 327 -26.96 4.78 1.36
N VAL A 328 -25.65 4.86 1.08
CA VAL A 328 -24.61 4.69 2.09
C VAL A 328 -23.53 5.74 1.90
N GLY A 329 -22.79 6.06 2.97
CA GLY A 329 -21.73 7.04 2.83
C GLY A 329 -20.95 7.39 4.08
N VAL A 330 -19.95 8.25 3.90
CA VAL A 330 -19.01 8.60 4.98
C VAL A 330 -18.65 10.08 4.99
N VAL A 331 -18.19 10.56 6.15
CA VAL A 331 -17.72 11.94 6.29
C VAL A 331 -16.22 11.98 6.01
N LYS A 332 -15.63 13.16 5.80
CA LYS A 332 -14.22 13.24 5.40
C LYS A 332 -13.25 12.71 6.46
N ASP A 333 -13.56 12.98 7.72
CA ASP A 333 -12.64 12.61 8.79
C ASP A 333 -13.29 11.75 9.87
N GLU A 334 -13.67 10.52 9.52
CA GLU A 334 -14.35 9.60 10.44
C GLU A 334 -13.65 9.42 11.80
N GLY A 335 -12.34 9.24 11.78
CA GLY A 335 -11.62 8.89 12.99
C GLY A 335 -11.20 10.03 13.90
N SER A 336 -11.17 11.25 13.40
CA SER A 336 -10.46 12.31 14.12
C SER A 336 -10.98 12.52 15.55
N ALA A 337 -12.29 12.69 15.68
CA ALA A 337 -12.92 12.90 16.99
C ALA A 337 -12.70 11.78 18.00
N PHE A 338 -12.46 10.56 17.53
CA PHE A 338 -12.22 9.42 18.41
C PHE A 338 -10.86 9.45 19.10
N LEU A 339 -9.92 10.16 18.49
CA LEU A 339 -8.57 10.24 19.00
C LEU A 339 -8.47 10.94 20.37
N VAL A 340 -9.39 11.84 20.69
CA VAL A 340 -9.30 12.61 21.94
C VAL A 340 -9.88 11.87 23.14
N TYR A 341 -10.43 10.70 22.86
CA TYR A 341 -10.97 9.82 23.89
C TYR A 341 -10.01 8.68 24.27
N GLY A 342 -8.79 9.04 24.58
CA GLY A 342 -7.84 8.08 25.14
C GLY A 342 -6.68 7.67 24.26
N VAL A 343 -6.35 8.46 23.23
CA VAL A 343 -5.06 8.28 22.55
C VAL A 343 -4.03 9.28 23.06
N PRO A 344 -3.01 8.79 23.79
CA PRO A 344 -1.98 9.71 24.27
C PRO A 344 -1.40 10.53 23.11
N GLY A 345 -1.36 11.85 23.30
CA GLY A 345 -0.82 12.78 22.32
C GLY A 345 -1.85 13.70 21.73
N PHE A 346 -3.13 13.35 21.85
CA PHE A 346 -4.22 14.08 21.20
C PHE A 346 -5.08 14.89 22.17
N SER A 347 -5.57 16.02 21.68
CA SER A 347 -6.41 16.95 22.45
C SER A 347 -7.09 17.92 21.48
N LYS A 348 -8.23 18.48 21.89
CA LYS A 348 -8.95 19.48 21.08
C LYS A 348 -8.38 20.86 21.24
N ASP A 349 -7.56 21.05 22.27
CA ASP A 349 -7.10 22.37 22.67
C ASP A 349 -5.72 22.73 22.14
N ASN A 350 -5.07 21.78 21.47
CA ASN A 350 -3.85 22.04 20.69
C ASN A 350 -3.89 21.30 19.35
N GLU A 351 -2.85 21.47 18.56
CA GLU A 351 -2.78 20.99 17.19
C GLU A 351 -2.52 19.48 17.07
N SER A 352 -2.34 18.83 18.22
CA SER A 352 -2.16 17.37 18.31
C SER A 352 -1.08 16.83 17.37
N LEU A 353 0.09 17.47 17.41
CA LEU A 353 1.21 17.03 16.62
C LEU A 353 1.96 15.97 17.41
N ILE A 354 1.96 14.75 16.89
CA ILE A 354 2.45 13.59 17.62
C ILE A 354 3.75 13.06 17.02
N SER A 355 4.41 12.17 17.76
CA SER A 355 5.69 11.60 17.32
C SER A 355 5.49 10.23 16.71
N ARG A 356 6.54 9.66 16.14
CA ARG A 356 6.41 8.34 15.58
C ARG A 356 6.13 7.30 16.66
N ALA A 357 6.71 7.48 17.84
CA ALA A 357 6.42 6.60 18.97
C ALA A 357 4.92 6.63 19.28
N GLN A 358 4.37 7.83 19.41
CA GLN A 358 2.97 8.01 19.75
C GLN A 358 2.04 7.43 18.68
N PHE A 359 2.49 7.46 17.43
CA PHE A 359 1.72 6.84 16.36
C PHE A 359 1.65 5.32 16.51
N LEU A 360 2.78 4.67 16.75
CA LEU A 360 2.82 3.22 16.94
C LEU A 360 1.98 2.80 18.11
N ALA A 361 2.04 3.56 19.19
CA ALA A 361 1.24 3.32 20.38
C ALA A 361 -0.25 3.50 20.07
N GLY A 362 -0.57 4.49 19.24
CA GLY A 362 -1.94 4.75 18.84
C GLY A 362 -2.47 3.58 18.05
N VAL A 363 -1.71 3.12 17.06
CA VAL A 363 -2.11 1.99 16.21
C VAL A 363 -2.49 0.74 17.02
N ARG A 364 -1.76 0.47 18.10
CA ARG A 364 -2.09 -0.65 19.00
C ARG A 364 -3.45 -0.48 19.65
N ILE A 365 -3.75 0.75 20.04
CA ILE A 365 -5.01 1.11 20.66
C ILE A 365 -6.13 1.13 19.61
N GLY A 366 -5.85 1.77 18.48
CA GLY A 366 -6.79 1.86 17.38
C GLY A 366 -7.13 0.50 16.77
N VAL A 367 -6.18 -0.43 16.79
CA VAL A 367 -6.42 -1.75 16.23
C VAL A 367 -6.13 -2.78 17.32
N PRO A 368 -6.98 -2.83 18.36
CA PRO A 368 -6.65 -3.57 19.58
C PRO A 368 -6.51 -5.08 19.42
N GLN A 369 -7.23 -5.64 18.46
CA GLN A 369 -7.22 -7.08 18.19
C GLN A 369 -6.01 -7.52 17.35
N ALA A 370 -5.16 -6.57 16.94
CA ALA A 370 -4.05 -6.85 16.02
C ALA A 370 -2.76 -7.29 16.69
N SER A 371 -2.23 -8.43 16.24
CA SER A 371 -0.90 -8.90 16.61
C SER A 371 0.20 -7.90 16.24
N ASP A 372 1.39 -8.06 16.80
CA ASP A 372 2.54 -7.20 16.50
C ASP A 372 2.77 -7.06 14.99
N LEU A 373 2.71 -8.18 14.29
CA LEU A 373 2.96 -8.21 12.86
C LEU A 373 1.93 -7.38 12.10
N ALA A 374 0.66 -7.51 12.49
CA ALA A 374 -0.41 -6.74 11.86
C ALA A 374 -0.32 -5.25 12.14
N ALA A 375 0.07 -4.89 13.36
CA ALA A 375 0.27 -3.50 13.74
C ALA A 375 1.41 -2.90 12.91
N GLU A 376 2.47 -3.69 12.76
CA GLU A 376 3.59 -3.27 11.94
C GLU A 376 3.07 -3.03 10.52
N ALA A 377 2.28 -3.96 10.00
CA ALA A 377 1.67 -3.79 8.69
C ALA A 377 0.88 -2.48 8.56
N VAL A 378 0.06 -2.17 9.57
CA VAL A 378 -0.74 -0.95 9.55
C VAL A 378 0.16 0.27 9.46
N VAL A 379 1.17 0.29 10.33
CA VAL A 379 2.09 1.41 10.43
C VAL A 379 2.85 1.58 9.13
N LEU A 380 3.28 0.46 8.55
CA LEU A 380 4.03 0.53 7.30
C LEU A 380 3.16 1.08 6.18
N HIS A 381 1.92 0.60 6.08
CA HIS A 381 0.98 1.13 5.09
C HIS A 381 0.70 2.62 5.23
N TYR A 382 0.66 3.14 6.46
CA TYR A 382 0.20 4.51 6.66
C TYR A 382 1.29 5.55 6.71
N THR A 383 2.53 5.09 6.92
CA THR A 383 3.70 5.99 6.89
C THR A 383 3.89 6.63 5.51
N ASP A 384 4.10 7.94 5.52
CA ASP A 384 4.54 8.67 4.34
C ASP A 384 6.07 8.56 4.29
N TRP A 385 6.61 7.82 3.32
CA TRP A 385 8.03 7.46 3.40
C TRP A 385 9.01 8.56 2.98
N LEU A 386 8.50 9.63 2.40
CA LEU A 386 9.32 10.83 2.21
C LEU A 386 9.46 11.66 3.51
N HIS A 387 8.47 11.58 4.40
CA HIS A 387 8.49 12.31 5.65
C HIS A 387 7.99 11.42 6.81
N PRO A 388 8.68 10.28 7.05
CA PRO A 388 8.19 9.28 7.99
C PRO A 388 8.08 9.79 9.45
N GLU A 389 8.37 11.06 9.64
CA GLU A 389 8.41 11.63 10.97
C GLU A 389 7.74 12.98 11.10
N ASP A 390 7.04 13.39 10.06
CA ASP A 390 6.27 14.61 10.14
C ASP A 390 5.16 14.47 11.18
N PRO A 391 5.20 15.28 12.26
CA PRO A 391 4.14 15.33 13.24
C PRO A 391 2.78 15.46 12.58
N THR A 392 2.62 16.47 11.73
CA THR A 392 1.37 16.71 11.03
C THR A 392 0.89 15.48 10.29
N HIS A 393 1.76 14.86 9.51
CA HIS A 393 1.30 13.69 8.78
C HIS A 393 0.91 12.51 9.68
N LEU A 394 1.62 12.32 10.78
CA LEU A 394 1.38 11.19 11.67
C LEU A 394 0.02 11.35 12.34
N ARG A 395 -0.27 12.56 12.80
CA ARG A 395 -1.55 12.92 13.33
C ARG A 395 -2.70 12.56 12.35
N ASP A 396 -2.53 12.90 11.07
CA ASP A 396 -3.59 12.68 10.10
C ASP A 396 -3.70 11.20 9.74
N ALA A 397 -2.59 10.47 9.85
CA ALA A 397 -2.59 9.04 9.57
C ALA A 397 -3.26 8.27 10.71
N MET A 398 -3.03 8.73 11.94
CA MET A 398 -3.66 8.13 13.10
C MET A 398 -5.17 8.23 12.93
N SER A 399 -5.64 9.42 12.53
CA SER A 399 -7.04 9.68 12.25
C SER A 399 -7.54 8.75 11.15
N ALA A 400 -6.77 8.60 10.09
CA ALA A 400 -7.18 7.75 8.98
C ALA A 400 -7.22 6.25 9.38
N VAL A 401 -6.27 5.80 10.20
CA VAL A 401 -6.24 4.42 10.66
C VAL A 401 -7.57 4.10 11.34
N VAL A 402 -7.96 4.96 12.28
CA VAL A 402 -9.22 4.80 12.98
C VAL A 402 -10.44 4.94 12.04
N GLY A 403 -10.47 6.01 11.25
CA GLY A 403 -11.52 6.21 10.23
C GLY A 403 -11.73 5.01 9.32
N ASP A 404 -10.66 4.56 8.68
CA ASP A 404 -10.73 3.50 7.67
C ASP A 404 -11.08 2.12 8.22
N HIS A 405 -10.49 1.76 9.36
CA HIS A 405 -10.67 0.43 9.93
C HIS A 405 -12.09 0.26 10.45
N ASN A 406 -12.63 1.32 11.04
CA ASN A 406 -13.96 1.28 11.66
C ASN A 406 -15.16 1.70 10.82
N VAL A 407 -14.96 2.62 9.87
CA VAL A 407 -16.09 3.10 9.10
C VAL A 407 -15.88 2.98 7.60
N VAL A 408 -14.91 3.71 7.06
CA VAL A 408 -14.76 3.76 5.62
C VAL A 408 -14.62 2.37 4.97
N CYS A 409 -13.82 1.47 5.54
CA CYS A 409 -13.60 0.23 4.82
C CYS A 409 -14.72 -0.77 4.97
N PRO A 410 -15.35 -0.83 6.15
CA PRO A 410 -16.60 -1.58 6.26
C PRO A 410 -17.70 -1.06 5.33
N VAL A 411 -17.86 0.26 5.24
CA VAL A 411 -18.83 0.81 4.27
C VAL A 411 -18.53 0.29 2.85
N ALA A 412 -17.27 0.41 2.41
CA ALA A 412 -16.81 -0.07 1.11
C ALA A 412 -17.17 -1.53 0.93
N GLN A 413 -16.72 -2.34 1.89
CA GLN A 413 -17.07 -3.76 1.93
C GLN A 413 -18.58 -3.93 1.74
N LEU A 414 -19.36 -3.20 2.54
CA LEU A 414 -20.81 -3.32 2.47
C LEU A 414 -21.34 -2.93 1.08
N ALA A 415 -20.85 -1.82 0.53
CA ALA A 415 -21.35 -1.36 -0.75
C ALA A 415 -20.98 -2.38 -1.86
N GLY A 416 -19.74 -2.87 -1.81
CA GLY A 416 -19.28 -3.95 -2.67
C GLY A 416 -20.17 -5.17 -2.62
N ARG A 417 -20.33 -5.78 -1.45
CA ARG A 417 -21.13 -7.01 -1.39
C ARG A 417 -22.60 -6.80 -1.78
N LEU A 418 -23.21 -5.71 -1.32
CA LEU A 418 -24.61 -5.42 -1.66
C LEU A 418 -24.80 -5.23 -3.17
N ALA A 419 -23.93 -4.44 -3.80
CA ALA A 419 -24.06 -4.16 -5.24
C ALA A 419 -23.92 -5.42 -6.13
N ALA A 420 -22.92 -6.22 -5.80
CA ALA A 420 -22.68 -7.49 -6.48
C ALA A 420 -23.83 -8.48 -6.33
N GLN A 421 -24.68 -8.28 -5.32
CA GLN A 421 -25.75 -9.24 -5.06
C GLN A 421 -27.16 -8.64 -5.23
N GLY A 422 -27.26 -7.63 -6.10
CA GLY A 422 -28.54 -7.19 -6.64
C GLY A 422 -29.10 -5.86 -6.19
N ALA A 423 -28.47 -5.27 -5.17
CA ALA A 423 -28.97 -4.03 -4.58
C ALA A 423 -28.64 -2.84 -5.45
N ARG A 424 -29.57 -1.89 -5.50
CA ARG A 424 -29.26 -0.59 -6.05
C ARG A 424 -28.60 0.21 -4.91
N VAL A 425 -27.33 0.55 -5.07
CA VAL A 425 -26.56 1.16 -4.01
C VAL A 425 -26.08 2.53 -4.47
N TYR A 426 -26.41 3.58 -3.73
CA TYR A 426 -25.85 4.90 -3.97
C TYR A 426 -24.87 5.21 -2.86
N ALA A 427 -23.77 5.89 -3.18
CA ALA A 427 -22.68 6.06 -2.21
C ALA A 427 -22.14 7.48 -2.19
N TYR A 428 -21.73 7.97 -1.03
CA TYR A 428 -21.25 9.35 -0.97
C TYR A 428 -20.08 9.50 -0.01
N ILE A 429 -19.41 10.64 -0.08
CA ILE A 429 -18.48 11.08 0.94
C ILE A 429 -18.85 12.53 1.21
N PHE A 430 -19.11 12.85 2.47
CA PHE A 430 -19.55 14.18 2.86
C PHE A 430 -18.34 15.00 3.26
N GLU A 431 -18.12 16.14 2.61
CA GLU A 431 -16.85 16.84 2.79
C GLU A 431 -16.97 18.24 3.34
N HIS A 432 -18.18 18.66 3.70
CA HIS A 432 -18.31 20.00 4.23
C HIS A 432 -18.20 20.10 5.75
N ARG A 433 -17.30 20.98 6.19
CA ARG A 433 -17.13 21.29 7.60
C ARG A 433 -18.01 22.48 7.98
N ALA A 434 -19.00 22.21 8.82
CA ALA A 434 -19.91 23.23 9.32
C ALA A 434 -19.10 24.44 9.73
N SER A 435 -19.59 25.62 9.38
CA SER A 435 -18.93 26.86 9.77
C SER A 435 -19.09 27.10 11.28
N THR A 436 -20.05 26.41 11.89
CA THR A 436 -20.37 26.64 13.28
C THR A 436 -19.64 25.70 14.22
N LEU A 437 -18.90 24.75 13.67
CA LEU A 437 -18.23 23.71 14.46
C LEU A 437 -17.27 24.28 15.50
N THR A 438 -17.22 23.66 16.67
CA THR A 438 -16.35 24.11 17.75
C THR A 438 -15.16 23.16 18.00
N TRP A 439 -15.07 22.08 17.24
CA TRP A 439 -13.92 21.20 17.32
C TRP A 439 -12.83 21.83 16.48
N PRO A 440 -11.56 21.63 16.87
CA PRO A 440 -10.48 22.30 16.17
C PRO A 440 -10.40 21.95 14.69
N LEU A 441 -9.78 22.82 13.90
CA LEU A 441 -9.68 22.62 12.46
C LEU A 441 -8.99 21.31 12.07
N TRP A 442 -8.08 20.83 12.91
CA TRP A 442 -7.33 19.63 12.53
C TRP A 442 -8.26 18.44 12.40
N MET A 443 -9.39 18.46 13.11
CA MET A 443 -10.35 17.34 13.10
C MET A 443 -11.17 17.22 11.83
N GLY A 444 -11.04 18.21 10.95
CA GLY A 444 -11.70 18.15 9.64
C GLY A 444 -13.20 18.10 9.78
N VAL A 445 -13.84 17.20 9.03
CA VAL A 445 -15.29 16.94 9.19
C VAL A 445 -15.45 15.66 10.00
N PRO A 446 -15.71 15.79 11.32
CA PRO A 446 -15.70 14.60 12.17
C PRO A 446 -16.99 13.80 12.14
N HIS A 447 -16.88 12.55 12.57
CA HIS A 447 -17.97 11.61 12.77
C HIS A 447 -19.18 12.29 13.42
N GLY A 448 -20.29 12.29 12.69
CA GLY A 448 -21.54 12.89 13.17
C GLY A 448 -21.93 14.23 12.57
N TYR A 449 -21.00 14.92 11.93
CA TYR A 449 -21.29 16.29 11.56
C TYR A 449 -21.98 16.55 10.20
N GLU A 450 -22.51 15.50 9.56
CA GLU A 450 -23.41 15.68 8.41
C GLU A 450 -24.86 15.72 8.87
N ILE A 451 -25.12 15.13 10.04
CA ILE A 451 -26.49 14.93 10.46
C ILE A 451 -27.27 16.24 10.43
N GLU A 452 -26.73 17.30 11.04
CA GLU A 452 -27.40 18.61 11.07
C GLU A 452 -27.76 19.20 9.67
N PHE A 453 -27.00 18.82 8.66
CA PHE A 453 -27.32 19.22 7.31
C PHE A 453 -28.47 18.41 6.72
N ILE A 454 -28.42 17.10 6.85
CA ILE A 454 -29.50 16.23 6.37
C ILE A 454 -30.83 16.58 7.04
N PHE A 455 -30.80 17.00 8.30
CA PHE A 455 -32.03 17.32 9.02
C PHE A 455 -32.47 18.75 8.75
N GLY A 456 -31.60 19.52 8.13
CA GLY A 456 -31.94 20.87 7.71
C GLY A 456 -31.90 21.94 8.78
N LEU A 457 -31.08 21.70 9.81
CA LEU A 457 -30.86 22.72 10.84
C LEU A 457 -30.38 24.07 10.29
N PRO A 458 -29.52 24.10 9.25
CA PRO A 458 -29.11 25.40 8.71
C PRO A 458 -30.25 26.32 8.29
N LEU A 459 -31.46 25.78 8.06
CA LEU A 459 -32.60 26.61 7.63
C LEU A 459 -33.14 27.48 8.75
N ASP A 460 -32.75 27.16 9.98
CA ASP A 460 -33.14 27.94 11.15
C ASP A 460 -32.25 29.16 11.22
N PRO A 461 -32.78 30.33 10.82
CA PRO A 461 -31.91 31.51 10.60
C PRO A 461 -31.12 31.87 11.87
N SER A 462 -31.75 31.67 13.02
CA SER A 462 -31.16 31.97 14.30
C SER A 462 -30.02 31.04 14.71
N LEU A 463 -29.58 30.13 13.84
CA LEU A 463 -28.47 29.23 14.16
C LEU A 463 -27.12 29.66 13.55
N ASN A 464 -27.09 30.84 12.94
CA ASN A 464 -25.84 31.43 12.43
C ASN A 464 -25.12 30.56 11.35
N TYR A 465 -25.87 29.76 10.60
CA TYR A 465 -25.28 29.10 9.44
C TYR A 465 -25.17 30.06 8.25
N THR A 466 -24.19 29.85 7.38
CA THR A 466 -24.06 30.69 6.19
C THR A 466 -25.18 30.45 5.20
N THR A 467 -25.48 31.45 4.37
CA THR A 467 -26.47 31.32 3.30
C THR A 467 -26.17 30.14 2.34
N GLU A 468 -24.88 29.92 2.05
CA GLU A 468 -24.45 28.80 1.20
C GLU A 468 -24.81 27.48 1.84
N GLU A 469 -24.60 27.40 3.16
CA GLU A 469 -24.94 26.23 3.95
C GLU A 469 -26.44 25.92 3.94
N ARG A 470 -27.27 26.97 4.04
CA ARG A 470 -28.72 26.84 3.94
C ARG A 470 -29.11 26.14 2.62
N ILE A 471 -28.56 26.60 1.50
CA ILE A 471 -28.80 26.01 0.17
C ILE A 471 -28.32 24.57 0.08
N PHE A 472 -27.11 24.34 0.57
CA PHE A 472 -26.53 23.01 0.69
C PHE A 472 -27.45 22.04 1.44
N ALA A 473 -28.05 22.50 2.54
CA ALA A 473 -28.92 21.65 3.33
C ALA A 473 -30.22 21.31 2.58
N GLN A 474 -30.76 22.30 1.89
CA GLN A 474 -31.93 22.08 1.03
C GLN A 474 -31.67 20.98 0.02
N ARG A 475 -30.49 21.05 -0.61
CA ARG A 475 -30.05 20.06 -1.59
C ARG A 475 -30.06 18.65 -1.01
N LEU A 476 -29.46 18.51 0.18
CA LEU A 476 -29.28 17.21 0.81
C LEU A 476 -30.63 16.65 1.26
N MET A 477 -31.46 17.50 1.83
CA MET A 477 -32.81 17.13 2.16
C MET A 477 -33.55 16.60 0.94
N LYS A 478 -33.31 17.19 -0.23
CA LYS A 478 -33.92 16.70 -1.46
C LYS A 478 -33.40 15.32 -1.87
N TYR A 479 -32.09 15.13 -1.84
CA TYR A 479 -31.50 13.83 -2.09
C TYR A 479 -32.08 12.74 -1.19
N TRP A 480 -32.07 12.97 0.12
CA TRP A 480 -32.53 11.97 1.09
C TRP A 480 -34.02 11.60 0.88
N THR A 481 -34.86 12.63 0.77
CA THR A 481 -36.29 12.40 0.60
C THR A 481 -36.63 11.87 -0.79
N ASN A 482 -35.93 12.34 -1.83
CA ASN A 482 -36.12 11.74 -3.17
C ASN A 482 -35.85 10.26 -3.09
N PHE A 483 -34.80 9.89 -2.33
CA PHE A 483 -34.47 8.48 -2.12
C PHE A 483 -35.54 7.73 -1.34
N ALA A 484 -36.11 8.37 -0.33
CA ALA A 484 -37.22 7.76 0.40
C ALA A 484 -38.40 7.58 -0.55
N ARG A 485 -38.74 8.64 -1.27
CA ARG A 485 -39.86 8.66 -2.20
C ARG A 485 -39.74 7.66 -3.37
N THR A 486 -38.55 7.55 -3.97
CA THR A 486 -38.42 6.81 -5.23
C THR A 486 -37.41 5.68 -5.21
N GLY A 487 -36.44 5.77 -4.29
CA GLY A 487 -35.31 4.88 -4.31
C GLY A 487 -34.21 5.39 -5.22
N ASP A 488 -34.35 6.64 -5.65
CA ASP A 488 -33.36 7.33 -6.48
C ASP A 488 -33.15 8.72 -5.88
N PRO A 489 -31.90 9.07 -5.52
CA PRO A 489 -31.70 10.38 -4.93
C PRO A 489 -31.84 11.51 -5.92
N ASN A 490 -31.72 11.20 -7.22
CA ASN A 490 -31.78 12.21 -8.27
C ASN A 490 -33.19 12.75 -8.46
N ASP A 491 -33.28 14.02 -8.86
CA ASP A 491 -34.58 14.62 -9.16
C ASP A 491 -34.99 14.21 -10.58
N PRO A 492 -36.23 13.70 -10.73
CA PRO A 492 -36.74 13.40 -12.07
C PRO A 492 -36.78 14.67 -12.95
N ARG A 493 -37.54 15.68 -12.49
CA ARG A 493 -37.74 16.96 -13.20
C ARG A 493 -36.42 17.71 -13.55
N ASP A 494 -35.45 17.66 -12.64
CA ASP A 494 -34.14 18.30 -12.85
C ASP A 494 -33.30 17.59 -13.93
N SER A 495 -32.25 18.26 -14.42
CA SER A 495 -31.52 17.79 -15.62
C SER A 495 -30.10 18.40 -15.73
N LYS A 496 -29.10 17.64 -15.26
CA LYS A 496 -27.65 18.01 -15.26
C LYS A 496 -27.24 19.51 -15.19
N SER A 497 -27.17 20.11 -13.98
CA SER A 497 -27.37 19.49 -12.65
C SER A 497 -26.98 18.01 -12.53
N PRO A 498 -25.70 17.77 -12.20
CA PRO A 498 -25.07 16.47 -12.43
C PRO A 498 -25.81 15.35 -11.72
N GLN A 499 -25.81 14.16 -12.33
CA GLN A 499 -26.50 12.99 -11.81
C GLN A 499 -25.64 12.24 -10.80
N TRP A 500 -26.30 11.55 -9.88
CA TRP A 500 -25.67 10.65 -8.92
C TRP A 500 -25.88 9.22 -9.45
N PRO A 501 -24.80 8.59 -9.93
CA PRO A 501 -24.90 7.24 -10.48
C PRO A 501 -24.90 6.18 -9.40
N PRO A 502 -25.56 5.03 -9.63
CA PRO A 502 -25.42 3.92 -8.70
C PRO A 502 -23.95 3.52 -8.54
N TYR A 503 -23.61 3.02 -7.35
CA TYR A 503 -22.33 2.39 -7.11
C TYR A 503 -22.36 0.94 -7.57
N THR A 504 -21.41 0.58 -8.43
CA THR A 504 -21.30 -0.78 -8.97
C THR A 504 -19.92 -1.31 -8.65
N THR A 505 -19.74 -2.63 -8.76
CA THR A 505 -18.42 -3.25 -8.62
C THR A 505 -17.50 -2.88 -9.78
N ALA A 506 -18.09 -2.72 -10.96
CA ALA A 506 -17.36 -2.33 -12.17
C ALA A 506 -16.76 -0.95 -12.03
N ALA A 507 -17.59 0.03 -11.68
CA ALA A 507 -17.19 1.42 -11.77
C ALA A 507 -16.85 2.05 -10.41
N GLN A 508 -17.43 1.52 -9.34
CA GLN A 508 -17.14 2.00 -7.97
C GLN A 508 -17.35 3.52 -7.80
N GLN A 509 -18.40 4.00 -8.46
CA GLN A 509 -18.78 5.41 -8.45
C GLN A 509 -19.49 5.83 -7.16
N TYR A 510 -19.15 7.04 -6.72
CA TYR A 510 -19.77 7.67 -5.58
C TYR A 510 -19.59 9.18 -5.72
N VAL A 511 -20.48 9.97 -5.14
CA VAL A 511 -20.42 11.43 -5.26
C VAL A 511 -19.81 12.08 -4.03
N SER A 512 -19.22 13.26 -4.23
CA SER A 512 -18.78 14.10 -3.15
C SER A 512 -19.95 15.00 -2.77
N LEU A 513 -20.18 15.17 -1.48
CA LEU A 513 -21.19 16.12 -1.03
C LEU A 513 -20.49 17.29 -0.35
N ASN A 514 -20.52 18.45 -1.01
CA ASN A 514 -19.98 19.71 -0.48
C ASN A 514 -20.71 20.89 -1.11
N LEU A 515 -20.21 22.11 -0.88
CA LEU A 515 -20.86 23.33 -1.37
C LEU A 515 -20.91 23.46 -2.89
N LYS A 516 -19.98 22.78 -3.56
CA LYS A 516 -19.93 22.69 -5.03
C LYS A 516 -20.93 21.63 -5.51
N PRO A 517 -21.37 21.70 -6.79
CA PRO A 517 -22.28 20.68 -7.32
C PRO A 517 -21.64 19.29 -7.32
N LEU A 518 -22.48 18.25 -7.39
CA LEU A 518 -22.02 16.86 -7.30
C LEU A 518 -20.86 16.55 -8.23
N GLU A 519 -19.83 15.91 -7.69
CA GLU A 519 -18.71 15.47 -8.48
C GLU A 519 -18.60 13.96 -8.33
N VAL A 520 -18.63 13.23 -9.44
CA VAL A 520 -18.53 11.77 -9.41
C VAL A 520 -17.07 11.37 -9.25
N ARG A 521 -16.80 10.50 -8.28
CA ARG A 521 -15.46 9.93 -8.08
C ARG A 521 -15.51 8.41 -8.20
N ARG A 522 -14.36 7.77 -8.34
CA ARG A 522 -14.35 6.32 -8.58
C ARG A 522 -13.39 5.65 -7.63
N GLY A 523 -13.92 4.68 -6.88
CA GLY A 523 -13.10 3.92 -5.92
C GLY A 523 -13.15 4.54 -4.54
N LEU A 524 -13.97 3.96 -3.66
CA LEU A 524 -14.03 4.44 -2.30
C LEU A 524 -12.82 3.89 -1.61
N ARG A 525 -11.81 4.75 -1.57
CA ARG A 525 -10.53 4.46 -0.96
C ARG A 525 -10.03 3.05 -1.27
N ALA A 526 -10.07 2.70 -2.56
CA ALA A 526 -9.85 1.31 -3.04
C ALA A 526 -8.59 0.59 -2.60
N GLN A 527 -7.39 1.18 -2.76
CA GLN A 527 -6.14 0.48 -2.39
C GLN A 527 -6.11 0.18 -0.89
N THR A 528 -6.28 1.23 -0.07
CA THR A 528 -6.24 1.09 1.39
C THR A 528 -7.30 0.12 1.90
N CYS A 529 -8.49 0.13 1.32
CA CYS A 529 -9.51 -0.77 1.82
C CYS A 529 -9.22 -2.23 1.45
N ALA A 530 -8.54 -2.44 0.33
CA ALA A 530 -8.06 -3.77 0.01
C ALA A 530 -7.13 -4.26 1.11
N PHE A 531 -6.38 -3.34 1.71
CA PHE A 531 -5.51 -3.68 2.83
C PHE A 531 -6.32 -4.20 4.01
N TRP A 532 -7.31 -3.43 4.46
CA TRP A 532 -8.14 -3.82 5.61
C TRP A 532 -9.08 -4.99 5.33
N ASN A 533 -9.60 -5.11 4.12
CA ASN A 533 -10.63 -6.11 3.80
C ASN A 533 -10.14 -7.42 3.21
N ARG A 534 -8.99 -7.40 2.54
CA ARG A 534 -8.45 -8.61 1.92
C ARG A 534 -7.11 -9.02 2.53
N PHE A 535 -6.30 -8.04 2.96
CA PHE A 535 -5.05 -8.42 3.60
C PHE A 535 -5.14 -8.71 5.10
N LEU A 536 -5.46 -7.70 5.91
CA LEU A 536 -5.46 -7.88 7.36
C LEU A 536 -6.15 -9.15 7.85
N PRO A 537 -7.34 -9.48 7.28
CA PRO A 537 -7.99 -10.71 7.75
C PRO A 537 -7.05 -11.91 7.72
N LYS A 538 -6.37 -12.10 6.58
CA LYS A 538 -5.46 -13.23 6.34
C LYS A 538 -4.21 -13.22 7.24
N LEU A 539 -3.86 -12.05 7.76
CA LEU A 539 -2.75 -11.90 8.69
C LEU A 539 -3.15 -12.22 10.14
N LEU A 540 -4.42 -12.03 10.46
CA LEU A 540 -4.98 -12.44 11.77
C LEU A 540 -5.72 -13.80 11.71
N SER A 541 -5.20 -14.74 10.91
CA SER A 541 -5.82 -16.07 10.75
C SER A 541 -5.25 -17.09 11.74
N GLU B 4 54.99 1.40 -38.05
CA GLU B 4 55.10 1.14 -36.59
C GLU B 4 54.97 2.46 -35.80
N ASP B 5 53.73 2.75 -35.39
CA ASP B 5 53.36 4.04 -34.79
C ASP B 5 53.78 4.07 -33.33
N PRO B 6 54.76 4.94 -32.97
CA PRO B 6 55.23 5.04 -31.57
C PRO B 6 54.10 5.21 -30.57
N GLN B 7 53.03 5.88 -30.99
CA GLN B 7 51.83 6.07 -30.15
C GLN B 7 51.10 4.76 -29.82
N LEU B 8 51.37 3.71 -30.59
CA LEU B 8 50.68 2.44 -30.42
C LEU B 8 51.57 1.36 -29.80
N LEU B 9 52.67 1.81 -29.18
CA LEU B 9 53.64 0.91 -28.53
C LEU B 9 53.77 1.26 -27.05
N VAL B 10 53.38 0.34 -26.18
CA VAL B 10 53.50 0.57 -24.75
C VAL B 10 54.36 -0.51 -24.14
N ARG B 11 55.14 -0.12 -23.13
CA ARG B 11 55.83 -1.08 -22.29
C ARG B 11 55.10 -1.18 -20.95
N VAL B 12 54.53 -2.35 -20.71
CA VAL B 12 53.96 -2.68 -19.40
C VAL B 12 54.91 -3.64 -18.67
N ARG B 13 54.67 -3.81 -17.36
CA ARG B 13 55.54 -4.61 -16.50
C ARG B 13 55.96 -5.96 -17.13
N GLY B 14 55.01 -6.60 -17.81
CA GLY B 14 55.23 -7.92 -18.38
C GLY B 14 55.83 -7.92 -19.78
N GLY B 15 56.04 -6.74 -20.36
CA GLY B 15 56.61 -6.66 -21.70
C GLY B 15 56.04 -5.57 -22.58
N GLN B 16 56.29 -5.69 -23.88
CA GLN B 16 55.88 -4.69 -24.85
C GLN B 16 54.58 -5.04 -25.57
N LEU B 17 53.81 -4.01 -25.93
CA LEU B 17 52.48 -4.19 -26.53
C LEU B 17 52.32 -3.36 -27.78
N ARG B 18 51.60 -3.90 -28.75
CA ARG B 18 51.21 -3.13 -29.92
C ARG B 18 49.70 -3.01 -30.04
N GLY B 19 49.22 -1.78 -29.89
CA GLY B 19 47.82 -1.45 -30.09
C GLY B 19 47.48 -1.12 -31.54
N ILE B 20 46.28 -0.61 -31.76
CA ILE B 20 45.78 -0.38 -33.11
C ILE B 20 45.01 0.91 -33.12
N ARG B 21 45.25 1.75 -34.13
CA ARG B 21 44.55 3.02 -34.25
C ARG B 21 43.16 2.79 -34.80
N LEU B 22 42.16 3.27 -34.06
CA LEU B 22 40.79 3.07 -34.46
C LEU B 22 40.14 4.39 -34.80
N LYS B 23 39.10 4.28 -35.62
CA LYS B 23 38.35 5.42 -36.11
C LYS B 23 37.13 5.66 -35.20
N ALA B 24 37.05 6.87 -34.68
CA ALA B 24 35.89 7.33 -33.92
C ALA B 24 35.32 8.53 -34.69
N PRO B 25 34.01 8.80 -34.55
CA PRO B 25 33.41 9.79 -35.45
C PRO B 25 34.19 11.09 -35.50
N GLY B 26 34.74 11.50 -34.35
CA GLY B 26 35.41 12.77 -34.22
C GLY B 26 36.94 12.71 -34.24
N GLY B 27 37.50 11.51 -34.41
CA GLY B 27 38.96 11.37 -34.49
C GLY B 27 39.53 10.01 -34.11
N PRO B 28 40.85 9.86 -34.24
CA PRO B 28 41.48 8.58 -33.94
C PRO B 28 41.60 8.32 -32.43
N VAL B 29 41.55 7.05 -32.03
CA VAL B 29 41.85 6.61 -30.67
C VAL B 29 42.86 5.51 -30.72
N SER B 30 43.66 5.37 -29.67
CA SER B 30 44.53 4.21 -29.52
C SER B 30 43.75 3.15 -28.77
N ALA B 31 43.78 1.92 -29.26
CA ALA B 31 43.16 0.80 -28.56
C ALA B 31 44.13 -0.33 -28.40
N PHE B 32 44.23 -0.81 -27.16
CA PHE B 32 45.05 -1.97 -26.83
C PHE B 32 44.17 -3.13 -26.34
N LEU B 33 43.78 -4.00 -27.27
CA LEU B 33 42.79 -5.05 -26.99
C LEU B 33 43.40 -6.42 -26.75
N GLY B 34 42.83 -7.19 -25.81
CA GLY B 34 43.26 -8.56 -25.59
C GLY B 34 44.55 -8.71 -24.80
N ILE B 35 44.82 -7.78 -23.89
CA ILE B 35 46.04 -7.83 -23.08
C ILE B 35 45.90 -8.86 -21.96
N PRO B 36 46.81 -9.83 -21.88
CA PRO B 36 46.65 -10.85 -20.82
C PRO B 36 47.03 -10.33 -19.45
N PHE B 37 46.20 -10.58 -18.45
CA PHE B 37 46.48 -10.11 -17.07
C PHE B 37 46.58 -11.27 -16.07
N ALA B 38 46.31 -12.49 -16.55
CA ALA B 38 46.42 -13.68 -15.73
C ALA B 38 46.87 -14.86 -16.55
N GLU B 39 47.52 -15.80 -15.89
CA GLU B 39 47.83 -17.09 -16.49
C GLU B 39 46.50 -17.73 -16.84
N PRO B 40 46.35 -18.23 -18.07
CA PRO B 40 45.09 -18.87 -18.44
C PRO B 40 44.63 -19.84 -17.33
N PRO B 41 43.38 -19.68 -16.81
CA PRO B 41 42.96 -20.51 -15.68
C PRO B 41 42.45 -21.88 -16.15
N VAL B 42 43.34 -22.64 -16.79
CA VAL B 42 42.94 -23.88 -17.49
C VAL B 42 43.50 -25.14 -16.83
N GLY B 43 42.92 -26.28 -17.15
CA GLY B 43 43.36 -27.55 -16.59
C GLY B 43 43.20 -27.59 -15.09
N SER B 44 44.32 -27.64 -14.37
CA SER B 44 44.28 -27.75 -12.92
C SER B 44 43.94 -26.44 -12.27
N ARG B 45 44.09 -25.35 -13.01
CA ARG B 45 43.79 -24.01 -12.49
C ARG B 45 42.29 -23.66 -12.49
N ARG B 46 41.45 -24.51 -13.08
CA ARG B 46 40.01 -24.31 -13.07
C ARG B 46 39.47 -24.26 -11.63
N PHE B 47 38.58 -23.27 -11.39
CA PHE B 47 37.98 -23.00 -10.06
C PHE B 47 38.98 -22.43 -9.05
N MET B 48 40.22 -22.17 -9.48
CA MET B 48 41.22 -21.60 -8.58
C MET B 48 41.37 -20.09 -8.76
N PRO B 49 41.82 -19.39 -7.69
CA PRO B 49 42.23 -17.99 -7.83
C PRO B 49 43.16 -17.80 -9.03
N PRO B 50 43.01 -16.68 -9.75
CA PRO B 50 43.87 -16.42 -10.89
C PRO B 50 45.29 -16.15 -10.43
N GLU B 51 46.27 -16.43 -11.29
CA GLU B 51 47.68 -16.11 -11.02
C GLU B 51 48.12 -15.03 -12.01
N PRO B 52 49.02 -14.12 -11.59
CA PRO B 52 49.51 -13.08 -12.50
C PRO B 52 50.17 -13.65 -13.78
N LYS B 53 49.91 -12.99 -14.92
CA LYS B 53 50.49 -13.37 -16.21
C LYS B 53 52.00 -13.27 -16.16
N ARG B 54 52.69 -14.35 -16.54
CA ARG B 54 54.15 -14.34 -16.64
C ARG B 54 54.60 -13.38 -17.74
N PRO B 55 55.78 -12.75 -17.58
CA PRO B 55 56.37 -11.88 -18.58
C PRO B 55 56.49 -12.57 -19.93
N TRP B 56 56.51 -11.80 -21.01
CA TRP B 56 56.64 -12.35 -22.35
C TRP B 56 57.82 -11.72 -23.10
N SER B 57 58.27 -12.39 -24.15
CA SER B 57 59.33 -11.88 -25.02
C SER B 57 58.72 -11.04 -26.12
N GLY B 58 59.57 -10.24 -26.78
CA GLY B 58 59.16 -9.50 -27.96
C GLY B 58 57.98 -8.59 -27.75
N VAL B 59 57.21 -8.41 -28.82
CA VAL B 59 56.12 -7.44 -28.80
C VAL B 59 54.79 -8.15 -29.02
N LEU B 60 53.91 -8.04 -28.03
CA LEU B 60 52.65 -8.76 -28.04
C LEU B 60 51.57 -8.02 -28.84
N ASP B 61 50.90 -8.76 -29.71
CA ASP B 61 49.87 -8.20 -30.57
C ASP B 61 48.58 -7.94 -29.80
N ALA B 62 48.26 -6.67 -29.57
CA ALA B 62 47.07 -6.29 -28.79
C ALA B 62 46.12 -5.48 -29.68
N THR B 63 45.70 -6.10 -30.77
CA THR B 63 44.99 -5.41 -31.81
C THR B 63 43.60 -5.99 -31.98
N THR B 64 43.34 -7.12 -31.34
CA THR B 64 42.01 -7.71 -31.39
C THR B 64 41.54 -8.12 -30.01
N PHE B 65 40.22 -8.16 -29.85
CA PHE B 65 39.61 -8.74 -28.68
C PHE B 65 39.95 -10.21 -28.66
N GLN B 66 40.13 -10.75 -27.46
CA GLN B 66 40.46 -12.15 -27.26
C GLN B 66 39.21 -12.98 -26.95
N ASN B 67 39.38 -14.29 -26.80
CA ASN B 67 38.27 -15.19 -26.53
C ASN B 67 37.39 -14.78 -25.34
N VAL B 68 36.13 -15.15 -25.44
CA VAL B 68 35.12 -14.88 -24.44
C VAL B 68 35.12 -16.01 -23.41
N CYS B 69 34.96 -15.68 -22.14
CA CYS B 69 34.95 -16.73 -21.10
C CYS B 69 33.87 -17.77 -21.34
N TYR B 70 34.17 -19.03 -21.03
CA TYR B 70 33.20 -20.08 -21.33
C TYR B 70 31.87 -19.88 -20.63
N GLN B 71 30.79 -19.98 -21.40
CA GLN B 71 29.48 -19.57 -20.92
C GLN B 71 28.36 -20.11 -21.79
N TYR B 72 27.16 -20.21 -21.19
CA TYR B 72 25.94 -20.54 -21.93
C TYR B 72 25.63 -19.52 -23.03
N VAL B 73 25.21 -20.02 -24.18
CA VAL B 73 24.82 -19.16 -25.30
C VAL B 73 23.30 -19.13 -25.42
N ASP B 74 22.71 -17.92 -25.37
CA ASP B 74 21.24 -17.75 -25.42
C ASP B 74 20.61 -18.16 -26.76
N THR B 75 19.55 -18.97 -26.69
CA THR B 75 18.86 -19.44 -27.89
C THR B 75 17.35 -19.32 -27.77
N LEU B 76 16.87 -18.41 -26.92
CA LEU B 76 15.43 -18.21 -26.78
C LEU B 76 14.81 -17.71 -28.09
N TYR B 77 15.52 -16.84 -28.79
CA TYR B 77 15.08 -16.36 -30.08
C TYR B 77 16.26 -16.35 -31.06
N PRO B 78 16.52 -17.50 -31.70
CA PRO B 78 17.64 -17.62 -32.64
C PRO B 78 17.51 -16.58 -33.76
N GLY B 79 18.59 -15.83 -34.00
CA GLY B 79 18.61 -14.81 -35.05
C GLY B 79 18.15 -13.41 -34.64
N PHE B 80 17.38 -13.33 -33.55
CA PHE B 80 16.83 -12.05 -33.08
C PHE B 80 17.89 -11.14 -32.45
N GLU B 81 17.97 -9.90 -32.92
CA GLU B 81 19.02 -8.95 -32.47
C GLU B 81 18.93 -8.61 -30.99
N GLY B 82 17.71 -8.55 -30.46
CA GLY B 82 17.49 -8.21 -29.06
C GLY B 82 18.12 -9.16 -28.07
N THR B 83 18.35 -10.41 -28.48
CA THR B 83 19.08 -11.37 -27.64
C THR B 83 20.53 -11.59 -28.12
N GLU B 84 20.71 -11.63 -29.43
CA GLU B 84 21.99 -11.97 -30.01
C GLU B 84 23.05 -10.92 -29.68
N MET B 85 22.60 -9.67 -29.48
CA MET B 85 23.51 -8.56 -29.16
C MET B 85 24.25 -8.73 -27.83
N TRP B 86 23.73 -9.61 -26.99
CA TRP B 86 24.36 -9.94 -25.71
C TRP B 86 25.19 -11.23 -25.77
N ASN B 87 24.98 -12.04 -26.81
CA ASN B 87 25.73 -13.31 -26.97
C ASN B 87 27.20 -13.08 -27.33
N PRO B 88 28.06 -14.08 -27.04
CA PRO B 88 29.49 -14.03 -27.37
C PRO B 88 29.76 -13.65 -28.82
N ASN B 89 30.61 -12.64 -29.02
CA ASN B 89 31.00 -12.22 -30.36
C ASN B 89 32.44 -12.63 -30.68
N ARG B 90 33.04 -13.47 -29.84
CA ARG B 90 34.31 -14.11 -30.17
C ARG B 90 34.25 -15.58 -29.79
N GLU B 91 35.24 -16.36 -30.22
CA GLU B 91 35.32 -17.78 -29.87
C GLU B 91 35.23 -17.99 -28.36
N LEU B 92 34.50 -19.03 -27.93
CA LEU B 92 34.42 -19.36 -26.51
C LEU B 92 35.66 -20.10 -26.07
N SER B 93 36.22 -19.72 -24.93
CA SER B 93 37.36 -20.44 -24.39
C SER B 93 37.54 -20.24 -22.89
N GLU B 94 38.06 -21.24 -22.20
CA GLU B 94 38.41 -21.08 -20.79
C GLU B 94 39.60 -20.16 -20.63
N ASP B 95 40.39 -20.06 -21.70
CA ASP B 95 41.50 -19.15 -21.79
C ASP B 95 40.96 -17.77 -22.21
N CYS B 96 40.60 -16.95 -21.22
CA CYS B 96 39.83 -15.72 -21.48
C CYS B 96 40.18 -14.52 -20.60
N LEU B 97 41.21 -14.64 -19.78
CA LEU B 97 41.57 -13.58 -18.89
C LEU B 97 42.42 -12.49 -19.56
N TYR B 98 41.74 -11.63 -20.30
CA TYR B 98 42.37 -10.56 -21.08
C TYR B 98 41.60 -9.28 -20.82
N LEU B 99 42.29 -8.14 -20.83
CA LEU B 99 41.64 -6.85 -20.66
C LEU B 99 41.91 -5.94 -21.85
N ASN B 100 41.02 -4.96 -22.05
CA ASN B 100 41.16 -3.98 -23.12
C ASN B 100 41.25 -2.58 -22.56
N VAL B 101 42.11 -1.77 -23.17
CA VAL B 101 42.31 -0.38 -22.79
C VAL B 101 42.09 0.50 -24.02
N TRP B 102 41.28 1.57 -23.88
CA TRP B 102 41.22 2.62 -24.92
C TRP B 102 41.76 3.94 -24.36
N THR B 103 42.53 4.65 -25.17
CA THR B 103 43.04 5.99 -24.79
C THR B 103 42.89 6.95 -25.96
N PRO B 104 42.95 8.28 -25.69
CA PRO B 104 43.03 9.23 -26.79
C PRO B 104 44.29 9.03 -27.65
N TYR B 105 44.18 9.39 -28.92
CA TYR B 105 45.30 9.39 -29.85
C TYR B 105 45.45 10.85 -30.25
N PRO B 106 46.57 11.49 -29.83
CA PRO B 106 47.73 10.91 -29.20
C PRO B 106 47.52 10.61 -27.70
N ARG B 107 48.26 9.61 -27.19
CA ARG B 107 48.38 9.32 -25.75
C ARG B 107 48.14 10.60 -24.95
N PRO B 108 47.21 10.59 -23.98
CA PRO B 108 47.00 11.82 -23.20
C PRO B 108 48.31 12.39 -22.69
N ALA B 109 48.43 13.72 -22.71
CA ALA B 109 49.62 14.42 -22.22
C ALA B 109 49.80 14.22 -20.69
N SER B 110 48.80 14.63 -19.92
CA SER B 110 48.85 14.51 -18.46
C SER B 110 47.91 13.40 -17.94
N PRO B 111 48.20 12.84 -16.75
CA PRO B 111 47.39 11.81 -16.09
C PRO B 111 45.85 11.98 -16.20
N THR B 112 45.21 11.02 -16.88
CA THR B 112 43.76 11.03 -17.12
C THR B 112 42.98 10.11 -16.19
N PRO B 113 41.73 10.48 -15.84
CA PRO B 113 40.90 9.55 -15.07
C PRO B 113 40.61 8.27 -15.83
N VAL B 114 40.60 7.17 -15.09
CA VAL B 114 40.39 5.83 -15.64
C VAL B 114 38.99 5.37 -15.35
N LEU B 115 38.29 4.86 -16.35
CA LEU B 115 37.02 4.20 -16.11
C LEU B 115 37.21 2.70 -16.32
N ILE B 116 36.86 1.90 -15.32
CA ILE B 116 36.94 0.45 -15.47
C ILE B 116 35.54 -0.15 -15.59
N TRP B 117 35.25 -0.80 -16.71
CA TRP B 117 33.95 -1.41 -16.95
C TRP B 117 33.91 -2.87 -16.55
N ILE B 118 32.87 -3.25 -15.79
CA ILE B 118 32.65 -4.65 -15.41
C ILE B 118 31.26 -5.04 -15.91
N TYR B 119 31.22 -5.84 -16.96
CA TYR B 119 29.95 -6.21 -17.57
C TYR B 119 29.08 -7.08 -16.67
N GLY B 120 27.79 -7.10 -16.99
CA GLY B 120 26.81 -8.02 -16.39
C GLY B 120 26.52 -9.20 -17.30
N GLY B 121 25.45 -9.93 -17.00
CA GLY B 121 25.11 -11.20 -17.64
C GLY B 121 24.80 -12.28 -16.61
N GLY B 122 24.25 -11.85 -15.48
CA GLY B 122 23.89 -12.74 -14.36
C GLY B 122 24.96 -13.64 -13.76
N PHE B 123 26.22 -13.21 -13.84
CA PHE B 123 27.35 -14.06 -13.43
C PHE B 123 27.47 -15.40 -14.19
N TYR B 124 26.69 -15.57 -15.26
CA TYR B 124 26.81 -16.78 -16.10
C TYR B 124 27.20 -16.43 -17.57
N SER B 125 27.24 -15.14 -17.89
CA SER B 125 27.53 -14.72 -19.27
C SER B 125 28.10 -13.32 -19.34
N GLY B 126 28.39 -12.87 -20.57
CA GLY B 126 28.95 -11.55 -20.82
C GLY B 126 30.36 -11.64 -21.39
N ALA B 127 30.84 -10.50 -21.87
CA ALA B 127 32.16 -10.34 -22.46
C ALA B 127 32.43 -8.86 -22.59
N ALA B 128 33.70 -8.47 -22.56
CA ALA B 128 34.08 -7.06 -22.61
C ALA B 128 34.17 -6.61 -24.06
N SER B 129 33.96 -7.55 -24.99
CA SER B 129 34.12 -7.29 -26.43
C SER B 129 32.84 -6.93 -27.19
N LEU B 130 31.70 -6.95 -26.52
CA LEU B 130 30.43 -6.66 -27.17
C LEU B 130 30.41 -5.21 -27.60
N ASP B 131 29.72 -4.95 -28.71
CA ASP B 131 29.73 -3.63 -29.32
C ASP B 131 29.22 -2.52 -28.39
N VAL B 132 28.27 -2.85 -27.50
CA VAL B 132 27.76 -1.87 -26.52
C VAL B 132 28.76 -1.46 -25.46
N TYR B 133 29.86 -2.19 -25.33
CA TYR B 133 30.89 -1.76 -24.39
C TYR B 133 32.11 -1.14 -25.09
N ASP B 134 31.89 -0.53 -26.25
CA ASP B 134 32.97 0.03 -27.06
C ASP B 134 33.50 1.33 -26.43
N GLY B 135 34.77 1.31 -26.02
CA GLY B 135 35.39 2.43 -25.27
C GLY B 135 35.73 3.64 -26.14
N ARG B 136 36.05 3.37 -27.39
CA ARG B 136 36.17 4.35 -28.46
C ARG B 136 35.65 5.79 -28.19
N PHE B 137 34.33 5.93 -28.04
CA PHE B 137 33.70 7.23 -27.94
C PHE B 137 34.05 7.97 -26.65
N LEU B 138 34.03 7.28 -25.50
CA LEU B 138 34.38 7.92 -24.23
C LEU B 138 35.86 8.32 -24.24
N ALA B 139 36.67 7.52 -24.93
CA ALA B 139 38.06 7.83 -25.09
C ALA B 139 38.22 9.09 -25.91
N GLN B 140 37.53 9.14 -27.04
CA GLN B 140 37.74 10.20 -28.04
C GLN B 140 37.08 11.52 -27.69
N VAL B 141 35.80 11.48 -27.31
CA VAL B 141 35.06 12.68 -26.99
C VAL B 141 35.45 13.24 -25.61
N GLU B 142 35.42 12.41 -24.58
CA GLU B 142 35.64 12.87 -23.20
C GLU B 142 37.10 12.83 -22.70
N GLY B 143 38.00 12.35 -23.53
CA GLY B 143 39.41 12.31 -23.14
C GLY B 143 39.76 11.28 -22.07
N ALA B 144 38.87 10.31 -21.85
CA ALA B 144 39.05 9.25 -20.84
C ALA B 144 39.95 8.09 -21.28
N VAL B 145 40.61 7.48 -20.31
CA VAL B 145 41.21 6.17 -20.48
C VAL B 145 40.15 5.23 -19.94
N LEU B 146 39.75 4.26 -20.75
CA LEU B 146 38.69 3.36 -20.37
C LEU B 146 39.18 1.93 -20.47
N VAL B 147 39.03 1.18 -19.38
CA VAL B 147 39.50 -0.20 -19.31
C VAL B 147 38.30 -1.12 -19.17
N SER B 148 38.38 -2.33 -19.73
CA SER B 148 37.41 -3.42 -19.50
C SER B 148 38.08 -4.80 -19.53
N MET B 149 37.71 -5.67 -18.58
CA MET B 149 38.33 -7.01 -18.45
C MET B 149 37.29 -8.11 -18.59
N ASN B 150 37.73 -9.28 -19.00
CA ASN B 150 36.90 -10.46 -18.90
C ASN B 150 37.12 -11.07 -17.54
N TYR B 151 36.09 -11.73 -17.04
CA TYR B 151 36.19 -12.50 -15.81
C TYR B 151 35.39 -13.78 -16.03
N ARG B 152 35.79 -14.85 -15.36
CA ARG B 152 35.12 -16.14 -15.52
C ARG B 152 33.68 -16.10 -14.99
N VAL B 153 32.77 -16.74 -15.70
CA VAL B 153 31.36 -16.72 -15.35
C VAL B 153 30.88 -18.15 -15.17
N GLY B 154 29.64 -18.30 -14.69
CA GLY B 154 29.07 -19.62 -14.41
C GLY B 154 29.96 -20.47 -13.51
N THR B 155 29.93 -21.77 -13.74
CA THR B 155 30.69 -22.71 -12.91
C THR B 155 32.16 -22.30 -12.80
N PHE B 156 32.74 -21.91 -13.92
CA PHE B 156 34.16 -21.54 -13.95
C PHE B 156 34.51 -20.42 -13.00
N GLY B 157 33.69 -19.37 -12.93
CA GLY B 157 33.98 -18.27 -12.04
C GLY B 157 33.47 -18.40 -10.62
N PHE B 158 32.44 -19.22 -10.41
CA PHE B 158 31.70 -19.11 -9.16
C PHE B 158 31.27 -20.39 -8.50
N LEU B 159 31.63 -21.54 -9.08
CA LEU B 159 31.40 -22.79 -8.40
C LEU B 159 32.28 -22.80 -7.16
N ALA B 160 31.69 -23.20 -6.05
CA ALA B 160 32.41 -23.16 -4.78
C ALA B 160 32.07 -24.36 -3.92
N LEU B 161 33.09 -25.02 -3.41
CA LEU B 161 32.93 -25.86 -2.25
C LEU B 161 33.58 -25.10 -1.10
N PRO B 162 32.79 -24.25 -0.41
CA PRO B 162 33.32 -23.31 0.57
C PRO B 162 34.18 -23.98 1.61
N GLY B 163 35.30 -23.32 1.94
CA GLY B 163 36.19 -23.79 3.00
C GLY B 163 37.21 -24.78 2.46
N SER B 164 37.13 -25.06 1.16
CA SER B 164 38.11 -25.93 0.54
C SER B 164 39.29 -25.13 0.01
N ARG B 165 40.25 -25.83 -0.58
CA ARG B 165 41.47 -25.22 -1.08
C ARG B 165 41.35 -25.10 -2.60
N GLU B 166 40.70 -26.07 -3.23
CA GLU B 166 40.70 -26.18 -4.67
C GLU B 166 39.57 -25.42 -5.36
N ALA B 167 38.55 -25.08 -4.59
CA ALA B 167 37.42 -24.33 -5.10
C ALA B 167 36.83 -23.48 -3.99
N PRO B 168 37.50 -22.34 -3.66
CA PRO B 168 37.06 -21.50 -2.53
C PRO B 168 35.92 -20.58 -2.91
N GLY B 169 35.59 -20.53 -4.20
CA GLY B 169 34.54 -19.65 -4.70
C GLY B 169 35.00 -18.22 -4.92
N ASN B 170 34.13 -17.44 -5.56
CA ASN B 170 34.37 -16.03 -5.83
C ASN B 170 35.56 -15.71 -6.74
N VAL B 171 36.04 -16.71 -7.48
CA VAL B 171 37.21 -16.51 -8.35
C VAL B 171 36.98 -15.49 -9.50
N GLY B 172 35.76 -15.42 -10.02
CA GLY B 172 35.43 -14.42 -11.02
C GLY B 172 35.60 -13.01 -10.46
N LEU B 173 35.25 -12.83 -9.19
CA LEU B 173 35.47 -11.56 -8.53
C LEU B 173 36.97 -11.34 -8.36
N LEU B 174 37.70 -12.43 -8.07
CA LEU B 174 39.15 -12.33 -7.96
C LEU B 174 39.83 -11.98 -9.26
N ASP B 175 39.33 -12.53 -10.37
CA ASP B 175 39.78 -12.12 -11.71
C ASP B 175 39.65 -10.61 -11.87
N GLN B 176 38.53 -10.06 -11.40
CA GLN B 176 38.27 -8.65 -11.53
C GLN B 176 39.31 -7.85 -10.73
N ARG B 177 39.48 -8.24 -9.47
CA ARG B 177 40.48 -7.64 -8.58
C ARG B 177 41.88 -7.67 -9.20
N LEU B 178 42.23 -8.78 -9.86
CA LEU B 178 43.52 -8.83 -10.56
C LEU B 178 43.62 -7.78 -11.69
N ALA B 179 42.56 -7.63 -12.49
CA ALA B 179 42.55 -6.59 -13.52
C ALA B 179 42.73 -5.22 -12.88
N LEU B 180 42.19 -5.07 -11.68
CA LEU B 180 42.24 -3.80 -10.95
C LEU B 180 43.68 -3.51 -10.51
N GLN B 181 44.35 -4.53 -9.99
CA GLN B 181 45.75 -4.43 -9.58
C GLN B 181 46.60 -4.15 -10.82
N TRP B 182 46.22 -4.74 -11.96
CA TRP B 182 46.93 -4.52 -13.22
C TRP B 182 46.86 -3.07 -13.64
N VAL B 183 45.67 -2.49 -13.58
CA VAL B 183 45.47 -1.08 -13.83
C VAL B 183 46.35 -0.23 -12.89
N GLN B 184 46.35 -0.54 -11.59
CA GLN B 184 47.19 0.20 -10.65
C GLN B 184 48.67 0.13 -11.01
N GLU B 185 49.08 -1.03 -11.52
CA GLU B 185 50.48 -1.27 -11.85
C GLU B 185 50.92 -0.76 -13.22
N ASN B 186 49.99 -0.58 -14.15
CA ASN B 186 50.35 -0.33 -15.56
C ASN B 186 49.74 0.88 -16.26
N ILE B 187 48.58 1.33 -15.78
CA ILE B 187 47.79 2.31 -16.52
C ILE B 187 48.56 3.61 -16.76
N ALA B 188 49.40 4.01 -15.79
CA ALA B 188 50.28 5.18 -15.94
C ALA B 188 50.93 5.20 -17.31
N ALA B 189 51.39 4.04 -17.76
CA ALA B 189 52.05 3.90 -19.05
C ALA B 189 51.16 4.21 -20.25
N PHE B 190 49.84 4.25 -20.05
CA PHE B 190 48.90 4.57 -21.14
C PHE B 190 48.44 6.04 -21.09
N GLY B 191 48.88 6.77 -20.06
CA GLY B 191 48.42 8.12 -19.79
C GLY B 191 47.37 8.16 -18.68
N GLY B 192 46.89 7.00 -18.26
CA GLY B 192 45.91 6.91 -17.18
C GLY B 192 46.45 7.37 -15.82
N ASP B 193 45.54 7.70 -14.91
CA ASP B 193 45.89 8.17 -13.58
C ASP B 193 45.52 7.12 -12.55
N PRO B 194 46.49 6.33 -12.09
CA PRO B 194 46.11 5.29 -11.13
C PRO B 194 45.45 5.81 -9.85
N MET B 195 45.62 7.10 -9.53
CA MET B 195 45.04 7.68 -8.30
C MET B 195 43.60 8.22 -8.50
N SER B 196 43.07 8.00 -9.69
CA SER B 196 41.69 8.36 -10.01
C SER B 196 41.04 7.26 -10.86
N VAL B 197 40.52 6.23 -10.20
CA VAL B 197 39.95 5.08 -10.87
C VAL B 197 38.48 4.96 -10.52
N THR B 198 37.65 4.93 -11.55
CA THR B 198 36.22 4.80 -11.31
C THR B 198 35.76 3.47 -11.84
N LEU B 199 35.23 2.63 -10.94
CA LEU B 199 34.60 1.39 -11.37
C LEU B 199 33.20 1.73 -11.83
N PHE B 200 32.78 1.12 -12.93
CA PHE B 200 31.39 1.20 -13.33
C PHE B 200 30.95 -0.09 -13.98
N GLY B 201 29.69 -0.46 -13.77
CA GLY B 201 29.17 -1.71 -14.26
C GLY B 201 27.67 -1.79 -14.17
N GLU B 202 27.10 -2.79 -14.86
CA GLU B 202 25.66 -2.95 -14.99
C GLU B 202 25.19 -4.34 -14.60
N SER B 203 24.02 -4.43 -13.99
CA SER B 203 23.46 -5.69 -13.55
C SER B 203 24.46 -6.49 -12.69
N ALA B 204 24.81 -7.70 -13.10
CA ALA B 204 25.83 -8.46 -12.38
C ALA B 204 27.13 -7.66 -12.23
N GLY B 205 27.42 -6.84 -13.23
CA GLY B 205 28.57 -5.94 -13.16
C GLY B 205 28.49 -4.89 -12.06
N ALA B 206 27.30 -4.37 -11.83
CA ALA B 206 27.02 -3.47 -10.72
C ALA B 206 27.14 -4.17 -9.36
N ALA B 207 26.58 -5.37 -9.22
CA ALA B 207 26.78 -6.13 -7.98
C ALA B 207 28.26 -6.38 -7.70
N SER B 208 29.04 -6.57 -8.79
CA SER B 208 30.48 -6.79 -8.69
C SER B 208 31.16 -5.57 -8.15
N VAL B 209 30.85 -4.42 -8.73
CA VAL B 209 31.34 -3.15 -8.24
C VAL B 209 30.95 -3.05 -6.77
N GLY B 210 29.71 -3.42 -6.48
CA GLY B 210 29.20 -3.34 -5.12
C GLY B 210 30.07 -4.14 -4.18
N MET B 211 30.47 -5.32 -4.66
CA MET B 211 31.30 -6.21 -3.86
C MET B 211 32.72 -5.73 -3.66
N HIS B 212 33.29 -5.04 -4.65
CA HIS B 212 34.60 -4.44 -4.46
C HIS B 212 34.50 -3.36 -3.40
N ILE B 213 33.38 -2.64 -3.36
CA ILE B 213 33.16 -1.66 -2.29
C ILE B 213 33.17 -2.36 -0.92
N LEU B 214 32.57 -3.54 -0.86
CA LEU B 214 32.39 -4.28 0.39
C LEU B 214 33.54 -5.22 0.79
N SER B 215 34.62 -5.25 -0.01
CA SER B 215 35.74 -6.15 0.25
C SER B 215 37.04 -5.36 0.44
N LEU B 216 37.60 -5.38 1.65
CA LEU B 216 38.76 -4.52 2.01
C LEU B 216 39.96 -4.56 1.05
N PRO B 217 40.39 -5.75 0.59
CA PRO B 217 41.53 -5.78 -0.33
C PRO B 217 41.27 -5.05 -1.64
N SER B 218 40.03 -5.02 -2.10
CA SER B 218 39.65 -4.26 -3.33
C SER B 218 39.69 -2.75 -3.15
N ARG B 219 39.47 -2.29 -1.91
CA ARG B 219 39.31 -0.87 -1.61
C ARG B 219 40.48 0.04 -1.97
N SER B 220 41.70 -0.48 -2.03
CA SER B 220 42.82 0.38 -2.42
C SER B 220 43.12 0.33 -3.91
N LEU B 221 42.15 -0.14 -4.70
CA LEU B 221 42.35 -0.28 -6.13
C LEU B 221 41.46 0.64 -6.93
N PHE B 222 40.55 1.33 -6.23
CA PHE B 222 39.68 2.32 -6.88
C PHE B 222 39.24 3.45 -5.93
N HIS B 223 38.66 4.50 -6.50
CA HIS B 223 38.30 5.67 -5.71
C HIS B 223 36.82 5.98 -5.80
N ARG B 224 36.17 5.55 -6.87
CA ARG B 224 34.74 5.84 -7.08
C ARG B 224 34.01 4.66 -7.73
N ALA B 225 32.70 4.62 -7.58
CA ALA B 225 31.94 3.47 -8.05
C ALA B 225 30.62 3.87 -8.68
N VAL B 226 30.23 3.15 -9.71
CA VAL B 226 28.94 3.37 -10.36
C VAL B 226 28.24 2.05 -10.52
N LEU B 227 27.05 1.97 -9.95
CA LEU B 227 26.25 0.75 -9.95
C LEU B 227 25.00 0.99 -10.80
N GLN B 228 24.99 0.45 -12.01
CA GLN B 228 23.88 0.66 -12.92
C GLN B 228 23.03 -0.59 -12.87
N SER B 229 21.82 -0.46 -12.34
CA SER B 229 20.82 -1.53 -12.35
C SER B 229 21.22 -2.82 -11.65
N GLY B 230 21.97 -2.71 -10.56
CA GLY B 230 22.37 -3.90 -9.81
C GLY B 230 23.05 -3.55 -8.50
N THR B 231 23.08 -4.51 -7.57
CA THR B 231 23.53 -4.25 -6.20
C THR B 231 24.11 -5.51 -5.60
N PRO B 232 25.07 -5.38 -4.64
CA PRO B 232 25.59 -6.59 -4.00
C PRO B 232 24.59 -7.19 -3.04
N ASN B 233 23.76 -6.33 -2.43
CA ASN B 233 22.61 -6.81 -1.65
C ASN B 233 21.51 -7.29 -2.60
N GLY B 234 20.45 -7.90 -2.08
CA GLY B 234 19.33 -8.32 -2.93
C GLY B 234 19.20 -9.82 -3.04
N PRO B 235 18.14 -10.30 -3.70
CA PRO B 235 17.86 -11.75 -3.66
C PRO B 235 18.72 -12.64 -4.56
N TRP B 236 19.39 -12.06 -5.56
CA TRP B 236 20.01 -12.89 -6.61
C TRP B 236 21.53 -12.88 -6.64
N ALA B 237 22.15 -11.83 -6.11
CA ALA B 237 23.59 -11.58 -6.28
C ALA B 237 24.50 -12.48 -5.45
N THR B 238 24.02 -12.96 -4.32
CA THR B 238 24.83 -13.88 -3.51
C THR B 238 24.07 -15.16 -3.14
N VAL B 239 24.81 -16.18 -2.75
CA VAL B 239 24.23 -17.34 -2.09
C VAL B 239 25.04 -17.54 -0.83
N SER B 240 24.54 -18.39 0.07
CA SER B 240 25.24 -18.65 1.31
C SER B 240 26.21 -19.77 1.04
N ALA B 241 27.17 -19.96 1.94
CA ALA B 241 28.09 -21.11 1.85
C ALA B 241 27.35 -22.46 1.80
N GLY B 242 26.35 -22.64 2.64
CA GLY B 242 25.54 -23.86 2.60
C GLY B 242 24.94 -24.10 1.21
N GLU B 243 24.34 -23.06 0.64
CA GLU B 243 23.62 -23.20 -0.64
C GLU B 243 24.56 -23.37 -1.84
N ALA B 244 25.76 -22.80 -1.74
CA ALA B 244 26.78 -22.93 -2.78
C ALA B 244 27.30 -24.36 -2.84
N ARG B 245 27.50 -24.96 -1.65
CA ARG B 245 27.97 -26.33 -1.51
C ARG B 245 26.94 -27.30 -2.09
N ARG B 246 25.68 -27.06 -1.77
CA ARG B 246 24.54 -27.82 -2.28
C ARG B 246 24.58 -27.92 -3.82
N ARG B 247 24.59 -26.76 -4.50
CA ARG B 247 24.59 -26.71 -5.97
C ARG B 247 25.84 -27.34 -6.62
N ALA B 248 27.01 -27.00 -6.07
CA ALA B 248 28.28 -27.58 -6.52
C ALA B 248 28.22 -29.09 -6.39
N THR B 249 27.69 -29.56 -5.27
CA THR B 249 27.56 -31.00 -5.02
C THR B 249 26.56 -31.64 -5.98
N LEU B 250 25.47 -30.93 -6.27
CA LEU B 250 24.47 -31.45 -7.20
C LEU B 250 24.95 -31.43 -8.65
N LEU B 251 25.76 -30.45 -8.99
CA LEU B 251 26.30 -30.41 -10.34
C LEU B 251 27.26 -31.57 -10.52
N ALA B 252 28.12 -31.76 -9.52
CA ALA B 252 29.09 -32.84 -9.54
C ALA B 252 28.40 -34.16 -9.80
N ARG B 253 27.31 -34.38 -9.07
CA ARG B 253 26.51 -35.58 -9.25
C ARG B 253 25.98 -35.66 -10.69
N LEU B 254 25.40 -34.56 -11.18
CA LEU B 254 24.73 -34.56 -12.48
C LEU B 254 25.64 -34.91 -13.65
N VAL B 255 26.96 -34.73 -13.45
CA VAL B 255 27.93 -35.00 -14.51
C VAL B 255 28.79 -36.22 -14.21
N GLY B 256 28.34 -37.05 -13.29
CA GLY B 256 28.97 -38.34 -13.00
C GLY B 256 30.12 -38.36 -12.02
N CYS B 257 30.30 -37.28 -11.25
CA CYS B 257 31.44 -37.18 -10.32
C CYS B 257 31.11 -37.59 -8.89
N PRO B 258 31.59 -38.77 -8.46
CA PRO B 258 31.17 -39.34 -7.18
C PRO B 258 31.86 -38.64 -5.99
N ASN B 265 34.27 -36.24 -0.27
CA ASN B 265 35.52 -35.53 -0.02
C ASN B 265 35.80 -34.49 -1.10
N ASP B 266 35.73 -33.21 -0.71
CA ASP B 266 35.99 -32.08 -1.61
C ASP B 266 37.07 -32.33 -2.68
N THR B 267 38.29 -32.63 -2.26
CA THR B 267 39.42 -32.86 -3.18
C THR B 267 39.04 -33.82 -4.31
N GLU B 268 38.48 -34.97 -3.95
CA GLU B 268 38.00 -35.98 -4.91
C GLU B 268 37.05 -35.33 -5.93
N LEU B 269 36.04 -34.64 -5.40
CA LEU B 269 34.99 -34.03 -6.22
C LEU B 269 35.54 -33.00 -7.23
N ILE B 270 36.39 -32.09 -6.76
CA ILE B 270 36.92 -31.04 -7.60
C ILE B 270 37.83 -31.63 -8.67
N ALA B 271 38.70 -32.55 -8.26
CA ALA B 271 39.51 -33.28 -9.23
C ALA B 271 38.68 -33.83 -10.41
N CYS B 272 37.58 -34.53 -10.11
CA CYS B 272 36.76 -35.14 -11.17
C CYS B 272 36.04 -34.10 -12.02
N LEU B 273 35.54 -33.05 -11.36
CA LEU B 273 35.00 -31.90 -12.08
C LEU B 273 36.00 -31.28 -13.06
N ARG B 274 37.28 -31.24 -12.66
CA ARG B 274 38.33 -30.65 -13.51
C ARG B 274 38.62 -31.44 -14.78
N THR B 275 38.31 -32.73 -14.78
CA THR B 275 38.54 -33.58 -15.95
C THR B 275 37.47 -33.41 -17.03
N ARG B 276 36.42 -32.66 -16.73
CA ARG B 276 35.25 -32.60 -17.59
C ARG B 276 35.30 -31.47 -18.62
N PRO B 277 35.02 -31.79 -19.90
CA PRO B 277 34.91 -30.78 -20.94
C PRO B 277 34.05 -29.61 -20.48
N ALA B 278 34.39 -28.40 -20.90
CA ALA B 278 33.69 -27.22 -20.42
C ALA B 278 32.18 -27.34 -20.66
N GLN B 279 31.80 -27.74 -21.87
CA GLN B 279 30.39 -27.70 -22.27
C GLN B 279 29.51 -28.65 -21.46
N ASP B 280 30.10 -29.70 -20.90
CA ASP B 280 29.41 -30.58 -19.95
C ASP B 280 28.92 -29.79 -18.74
N LEU B 281 29.78 -28.91 -18.20
CA LEU B 281 29.42 -28.09 -17.06
C LEU B 281 28.29 -27.12 -17.39
N VAL B 282 28.39 -26.47 -18.54
CA VAL B 282 27.36 -25.51 -18.99
C VAL B 282 26.01 -26.20 -19.30
N ASP B 283 26.07 -27.43 -19.81
CA ASP B 283 24.88 -28.25 -20.13
C ASP B 283 23.98 -28.47 -18.93
N HIS B 284 24.58 -28.52 -17.75
CA HIS B 284 23.88 -28.89 -16.53
C HIS B 284 23.80 -27.77 -15.49
N GLU B 285 24.13 -26.53 -15.85
CA GLU B 285 24.15 -25.46 -14.85
C GLU B 285 22.77 -24.93 -14.48
N TRP B 286 21.84 -24.92 -15.44
CA TRP B 286 20.45 -24.49 -15.18
C TRP B 286 19.77 -25.41 -14.17
N HIS B 287 20.23 -26.65 -14.11
CA HIS B 287 19.49 -27.66 -13.36
C HIS B 287 19.70 -27.64 -11.85
N VAL B 288 20.61 -26.82 -11.33
CA VAL B 288 20.86 -26.79 -9.88
C VAL B 288 20.00 -25.78 -9.09
N LEU B 289 19.13 -25.04 -9.76
CA LEU B 289 18.35 -24.03 -9.05
C LEU B 289 17.24 -24.68 -8.22
N PRO B 290 17.07 -24.22 -6.94
CA PRO B 290 16.11 -24.82 -5.98
C PRO B 290 14.63 -24.74 -6.38
N GLN B 291 14.23 -23.73 -7.17
CA GLN B 291 12.84 -23.56 -7.59
C GLN B 291 12.75 -23.13 -9.04
N GLU B 292 11.56 -23.30 -9.63
CA GLU B 292 11.23 -22.62 -10.86
C GLU B 292 11.31 -21.11 -10.56
N SER B 293 12.13 -20.38 -11.29
CA SER B 293 12.28 -18.96 -11.03
C SER B 293 12.77 -18.15 -12.21
N ILE B 294 12.70 -16.83 -12.07
CA ILE B 294 13.36 -15.93 -12.99
C ILE B 294 14.19 -14.99 -12.17
N PHE B 295 15.21 -14.41 -12.77
CA PHE B 295 16.14 -13.56 -12.05
C PHE B 295 16.75 -14.32 -10.87
N ARG B 296 17.08 -15.59 -11.08
CA ARG B 296 17.97 -16.31 -10.19
C ARG B 296 18.96 -17.08 -11.06
N PHE B 297 20.23 -17.06 -10.64
CA PHE B 297 21.30 -17.65 -11.41
C PHE B 297 22.03 -18.70 -10.59
N SER B 298 22.38 -19.79 -11.27
CA SER B 298 22.94 -20.97 -10.61
C SER B 298 24.23 -20.70 -9.84
N PHE B 299 25.16 -19.99 -10.44
CA PHE B 299 26.48 -19.82 -9.82
C PHE B 299 26.85 -18.36 -9.73
N VAL B 300 26.81 -17.87 -8.49
CA VAL B 300 27.03 -16.46 -8.20
C VAL B 300 28.01 -16.33 -7.03
N PRO B 301 28.45 -15.08 -6.71
CA PRO B 301 29.34 -14.91 -5.58
C PRO B 301 28.79 -15.58 -4.35
N VAL B 302 29.67 -16.16 -3.54
CA VAL B 302 29.25 -16.81 -2.32
C VAL B 302 29.72 -16.02 -1.11
N VAL B 303 28.92 -16.01 -0.05
CA VAL B 303 29.33 -15.40 1.21
C VAL B 303 30.29 -16.36 1.89
N ASP B 304 31.58 -16.13 1.66
CA ASP B 304 32.63 -17.06 2.10
C ASP B 304 33.30 -16.73 3.45
N GLY B 305 33.05 -15.54 3.99
CA GLY B 305 33.82 -15.03 5.14
C GLY B 305 35.24 -14.64 4.75
N ASP B 306 35.57 -14.77 3.47
CA ASP B 306 36.90 -14.41 2.95
C ASP B 306 36.74 -13.15 2.08
N PHE B 307 36.38 -13.31 0.80
CA PHE B 307 36.08 -12.15 -0.05
C PHE B 307 34.97 -11.27 0.54
N LEU B 308 33.87 -11.89 0.92
CA LEU B 308 32.80 -11.22 1.62
C LEU B 308 32.82 -11.65 3.08
N SER B 309 33.21 -10.74 3.98
CA SER B 309 33.42 -11.10 5.39
C SER B 309 32.11 -11.45 6.11
N ASP B 310 30.98 -11.15 5.47
CA ASP B 310 29.64 -11.36 6.03
C ASP B 310 28.68 -11.02 4.88
N THR B 311 27.37 -11.19 5.04
CA THR B 311 26.44 -10.88 3.93
C THR B 311 26.53 -9.41 3.52
N PRO B 312 26.25 -9.10 2.25
CA PRO B 312 26.22 -7.70 1.81
C PRO B 312 25.25 -6.87 2.63
N GLU B 313 24.09 -7.46 2.92
CA GLU B 313 23.08 -6.84 3.75
C GLU B 313 23.72 -6.41 5.09
N ALA B 314 24.38 -7.35 5.75
CA ALA B 314 25.07 -7.07 6.99
C ALA B 314 26.15 -6.02 6.76
N LEU B 315 26.99 -6.22 5.74
CA LEU B 315 28.12 -5.33 5.46
C LEU B 315 27.70 -3.92 5.12
N ILE B 316 26.61 -3.77 4.37
CA ILE B 316 26.14 -2.44 4.03
C ILE B 316 25.52 -1.75 5.24
N ASN B 317 24.96 -2.53 6.16
CA ASN B 317 24.30 -1.99 7.35
C ASN B 317 25.31 -1.43 8.33
N THR B 318 26.55 -1.91 8.28
CA THR B 318 27.52 -1.60 9.33
C THR B 318 28.85 -0.97 8.89
N GLY B 319 29.06 -0.82 7.58
CA GLY B 319 30.29 -0.20 7.08
C GLY B 319 30.35 1.31 7.29
N ASP B 320 31.55 1.86 7.14
CA ASP B 320 31.79 3.31 7.20
C ASP B 320 32.18 3.77 5.80
N PHE B 321 31.33 4.59 5.21
CA PHE B 321 31.46 4.94 3.80
C PHE B 321 31.79 6.40 3.52
N GLN B 322 32.53 7.01 4.44
CA GLN B 322 32.76 8.46 4.41
C GLN B 322 33.62 8.98 3.29
N ASP B 323 34.72 8.30 2.97
CA ASP B 323 35.51 8.82 1.87
C ASP B 323 35.21 8.00 0.61
N LEU B 324 33.95 8.11 0.16
CA LEU B 324 33.42 7.32 -0.95
C LEU B 324 32.30 8.02 -1.69
N GLN B 325 32.43 8.06 -3.01
CA GLN B 325 31.42 8.63 -3.88
C GLN B 325 30.80 7.54 -4.75
N VAL B 326 29.47 7.56 -4.88
CA VAL B 326 28.74 6.55 -5.63
C VAL B 326 27.60 7.11 -6.49
N LEU B 327 27.55 6.65 -7.73
CA LEU B 327 26.44 6.92 -8.64
C LEU B 327 25.67 5.64 -8.89
N VAL B 328 24.37 5.64 -8.61
CA VAL B 328 23.52 4.46 -8.76
C VAL B 328 22.25 4.81 -9.51
N GLY B 329 21.64 3.82 -10.13
CA GLY B 329 20.37 4.06 -10.76
C GLY B 329 19.80 2.88 -11.46
N VAL B 330 18.61 3.08 -12.01
CA VAL B 330 17.84 2.02 -12.61
C VAL B 330 17.26 2.50 -13.95
N VAL B 331 16.80 1.54 -14.77
CA VAL B 331 16.02 1.87 -15.97
C VAL B 331 14.54 1.80 -15.62
N LYS B 332 13.70 2.38 -16.48
CA LYS B 332 12.26 2.47 -16.24
C LYS B 332 11.60 1.11 -15.99
N ASP B 333 12.03 0.10 -16.75
CA ASP B 333 11.35 -1.20 -16.81
C ASP B 333 12.33 -2.32 -16.59
N GLU B 334 12.77 -2.50 -15.35
CA GLU B 334 13.83 -3.43 -15.04
C GLU B 334 13.44 -4.88 -15.29
N GLY B 335 12.16 -5.22 -15.09
CA GLY B 335 11.77 -6.62 -15.06
C GLY B 335 11.14 -7.16 -16.33
N SER B 336 10.80 -6.28 -17.25
CA SER B 336 10.03 -6.69 -18.41
C SER B 336 10.71 -7.81 -19.21
N ALA B 337 12.01 -7.66 -19.45
CA ALA B 337 12.74 -8.60 -20.30
C ALA B 337 12.93 -9.96 -19.68
N PHE B 338 12.84 -10.07 -18.36
CA PHE B 338 13.00 -11.35 -17.68
C PHE B 338 11.74 -12.18 -17.76
N LEU B 339 10.66 -11.58 -18.23
CA LEU B 339 9.36 -12.24 -18.19
C LEU B 339 9.25 -13.26 -19.32
N VAL B 340 9.90 -12.97 -20.44
CA VAL B 340 9.84 -13.88 -21.59
C VAL B 340 10.74 -15.11 -21.37
N TYR B 341 11.47 -15.13 -20.26
CA TYR B 341 12.36 -16.25 -19.92
C TYR B 341 11.76 -17.21 -18.91
N GLY B 342 10.50 -17.61 -19.16
CA GLY B 342 9.86 -18.66 -18.36
C GLY B 342 8.65 -18.27 -17.53
N VAL B 343 8.13 -17.04 -17.69
CA VAL B 343 6.82 -16.72 -17.11
C VAL B 343 5.71 -17.04 -18.13
N PRO B 344 4.91 -18.08 -17.86
CA PRO B 344 3.85 -18.43 -18.80
C PRO B 344 2.94 -17.24 -19.03
N GLY B 345 2.67 -16.97 -20.30
CA GLY B 345 1.82 -15.86 -20.71
C GLY B 345 2.56 -14.76 -21.44
N PHE B 346 3.89 -14.71 -21.28
CA PHE B 346 4.69 -13.61 -21.84
C PHE B 346 5.52 -14.04 -23.03
N SER B 347 5.55 -13.19 -24.05
CA SER B 347 6.33 -13.41 -25.27
C SER B 347 6.65 -12.06 -25.85
N LYS B 348 7.73 -11.96 -26.63
CA LYS B 348 8.07 -10.72 -27.30
C LYS B 348 7.22 -10.51 -28.55
N ASP B 349 6.65 -11.60 -29.06
CA ASP B 349 5.95 -11.58 -30.35
C ASP B 349 4.46 -11.18 -30.28
N ASN B 350 3.87 -11.24 -29.08
CA ASN B 350 2.52 -10.71 -28.82
C ASN B 350 2.49 -9.67 -27.68
N GLU B 351 1.35 -9.03 -27.44
CA GLU B 351 1.26 -7.98 -26.41
C GLU B 351 1.22 -8.48 -24.98
N SER B 352 1.28 -9.79 -24.80
CA SER B 352 1.39 -10.45 -23.50
C SER B 352 0.38 -10.00 -22.43
N LEU B 353 -0.87 -9.79 -22.82
CA LEU B 353 -1.96 -9.46 -21.89
C LEU B 353 -2.32 -10.71 -21.10
N ILE B 354 -2.46 -10.57 -19.79
CA ILE B 354 -2.52 -11.76 -18.93
C ILE B 354 -3.71 -11.82 -17.98
N SER B 355 -4.15 -13.05 -17.71
CA SER B 355 -5.18 -13.33 -16.71
C SER B 355 -4.66 -13.01 -15.29
N ARG B 356 -5.58 -12.88 -14.35
CA ARG B 356 -5.20 -12.71 -12.96
C ARG B 356 -4.51 -13.97 -12.42
N ALA B 357 -4.99 -15.14 -12.86
CA ALA B 357 -4.44 -16.42 -12.40
C ALA B 357 -3.01 -16.53 -12.86
N GLN B 358 -2.76 -16.07 -14.09
CA GLN B 358 -1.43 -16.01 -14.65
C GLN B 358 -0.53 -15.09 -13.81
N PHE B 359 -1.12 -14.02 -13.28
CA PHE B 359 -0.38 -13.10 -12.40
C PHE B 359 0.03 -13.77 -11.08
N LEU B 360 -0.89 -14.44 -10.38
CA LEU B 360 -0.51 -15.13 -9.14
C LEU B 360 0.59 -16.15 -9.40
N ALA B 361 0.50 -16.84 -10.54
CA ALA B 361 1.49 -17.86 -10.91
C ALA B 361 2.86 -17.22 -11.16
N GLY B 362 2.89 -16.18 -11.98
CA GLY B 362 4.11 -15.40 -12.23
C GLY B 362 4.75 -14.81 -10.97
N VAL B 363 3.94 -14.52 -9.96
CA VAL B 363 4.47 -14.03 -8.69
C VAL B 363 5.18 -15.15 -7.92
N ARG B 364 4.66 -16.38 -7.98
CA ARG B 364 5.30 -17.51 -7.29
C ARG B 364 6.66 -17.79 -7.91
N ILE B 365 6.79 -17.46 -9.19
CA ILE B 365 8.02 -17.71 -9.93
C ILE B 365 8.96 -16.50 -9.77
N GLY B 366 8.39 -15.31 -9.69
CA GLY B 366 9.15 -14.08 -9.50
C GLY B 366 9.75 -13.96 -8.11
N VAL B 367 9.04 -14.52 -7.13
CA VAL B 367 9.46 -14.43 -5.75
C VAL B 367 9.49 -15.86 -5.19
N PRO B 368 10.47 -16.64 -5.63
CA PRO B 368 10.51 -18.10 -5.39
C PRO B 368 10.52 -18.48 -3.92
N GLN B 369 10.94 -17.54 -3.06
CA GLN B 369 11.05 -17.83 -1.63
C GLN B 369 9.78 -17.44 -0.88
N ALA B 370 8.80 -16.91 -1.60
CA ALA B 370 7.54 -16.46 -1.00
C ALA B 370 6.62 -17.61 -0.62
N SER B 371 6.08 -17.53 0.59
CA SER B 371 5.03 -18.43 1.05
C SER B 371 3.71 -17.98 0.43
N ASP B 372 2.64 -18.75 0.65
CA ASP B 372 1.29 -18.37 0.17
C ASP B 372 0.92 -16.95 0.61
N LEU B 373 1.03 -16.68 1.92
CA LEU B 373 0.68 -15.38 2.48
C LEU B 373 1.54 -14.24 1.92
N ALA B 374 2.84 -14.48 1.87
CA ALA B 374 3.79 -13.51 1.31
C ALA B 374 3.46 -13.15 -0.14
N ALA B 375 3.10 -14.16 -0.94
CA ALA B 375 2.82 -14.00 -2.35
C ALA B 375 1.51 -13.30 -2.54
N GLU B 376 0.56 -13.60 -1.66
CA GLU B 376 -0.73 -12.97 -1.67
C GLU B 376 -0.61 -11.47 -1.35
N ALA B 377 0.32 -11.12 -0.47
CA ALA B 377 0.61 -9.71 -0.17
C ALA B 377 1.15 -8.99 -1.39
N VAL B 378 2.18 -9.53 -2.05
CA VAL B 378 2.69 -8.99 -3.29
C VAL B 378 1.53 -8.76 -4.24
N VAL B 379 0.70 -9.78 -4.40
CA VAL B 379 -0.41 -9.69 -5.32
C VAL B 379 -1.35 -8.56 -4.90
N LEU B 380 -1.74 -8.54 -3.63
CA LEU B 380 -2.68 -7.55 -3.17
C LEU B 380 -2.12 -6.13 -3.24
N HIS B 381 -0.83 -5.98 -3.09
CA HIS B 381 -0.18 -4.67 -3.15
C HIS B 381 -0.11 -4.13 -4.58
N TYR B 382 0.11 -5.03 -5.54
CA TYR B 382 0.35 -4.64 -6.93
C TYR B 382 -0.90 -4.55 -7.80
N THR B 383 -2.04 -4.95 -7.25
CA THR B 383 -3.28 -4.94 -7.99
C THR B 383 -3.84 -3.52 -8.08
N ASP B 384 -4.36 -3.15 -9.24
CA ASP B 384 -5.13 -1.91 -9.33
C ASP B 384 -6.61 -2.18 -9.08
N TRP B 385 -7.07 -1.78 -7.89
CA TRP B 385 -8.38 -2.19 -7.42
C TRP B 385 -9.56 -1.50 -8.10
N LEU B 386 -9.28 -0.48 -8.90
CA LEU B 386 -10.28 0.08 -9.81
C LEU B 386 -10.46 -0.78 -11.04
N HIS B 387 -9.36 -1.37 -11.50
CA HIS B 387 -9.36 -2.23 -12.71
C HIS B 387 -8.66 -3.55 -12.37
N PRO B 388 -9.14 -4.25 -11.31
CA PRO B 388 -8.42 -5.40 -10.72
C PRO B 388 -8.23 -6.60 -11.65
N GLU B 389 -8.82 -6.56 -12.84
CA GLU B 389 -8.71 -7.68 -13.77
C GLU B 389 -8.34 -7.23 -15.18
N ASP B 390 -7.77 -6.04 -15.29
CA ASP B 390 -7.34 -5.50 -16.57
C ASP B 390 -6.03 -6.11 -17.06
N PRO B 391 -6.06 -6.77 -18.23
CA PRO B 391 -4.88 -7.50 -18.73
C PRO B 391 -3.62 -6.64 -18.94
N THR B 392 -3.78 -5.39 -19.36
CA THR B 392 -2.64 -4.47 -19.46
C THR B 392 -1.96 -4.22 -18.08
N HIS B 393 -2.75 -3.91 -17.04
CA HIS B 393 -2.17 -3.64 -15.72
C HIS B 393 -1.47 -4.85 -15.15
N LEU B 394 -2.10 -6.03 -15.28
CA LEU B 394 -1.55 -7.22 -14.64
C LEU B 394 -0.21 -7.57 -15.25
N ARG B 395 -0.10 -7.35 -16.55
CA ARG B 395 1.15 -7.50 -17.26
C ARG B 395 2.18 -6.47 -16.75
N ASP B 396 1.84 -5.18 -16.76
CA ASP B 396 2.76 -4.15 -16.28
C ASP B 396 3.14 -4.36 -14.83
N ALA B 397 2.22 -4.96 -14.06
CA ALA B 397 2.45 -5.20 -12.64
C ALA B 397 3.38 -6.41 -12.43
N MET B 398 3.17 -7.47 -13.20
CA MET B 398 4.05 -8.62 -13.18
C MET B 398 5.49 -8.16 -13.44
N SER B 399 5.65 -7.29 -14.43
CA SER B 399 6.94 -6.73 -14.77
C SER B 399 7.50 -5.99 -13.56
N ALA B 400 6.69 -5.06 -13.05
CA ALA B 400 7.05 -4.20 -11.94
C ALA B 400 7.48 -5.02 -10.73
N VAL B 401 6.75 -6.09 -10.44
CA VAL B 401 7.12 -6.97 -9.32
C VAL B 401 8.56 -7.41 -9.45
N VAL B 402 8.91 -7.90 -10.63
CA VAL B 402 10.23 -8.46 -10.88
C VAL B 402 11.31 -7.38 -10.82
N GLY B 403 11.06 -6.26 -11.48
CA GLY B 403 11.98 -5.12 -11.44
C GLY B 403 12.21 -4.58 -10.03
N ASP B 404 11.11 -4.39 -9.27
CA ASP B 404 11.22 -3.81 -7.94
C ASP B 404 11.90 -4.74 -6.98
N HIS B 405 11.56 -6.02 -7.07
CA HIS B 405 12.05 -7.01 -6.11
C HIS B 405 13.53 -7.27 -6.30
N ASN B 406 13.99 -7.26 -7.56
CA ASN B 406 15.37 -7.63 -7.89
C ASN B 406 16.33 -6.44 -8.06
N VAL B 407 15.83 -5.32 -8.56
CA VAL B 407 16.69 -4.17 -8.83
C VAL B 407 16.30 -2.92 -8.04
N VAL B 408 15.16 -2.32 -8.37
CA VAL B 408 14.82 -1.00 -7.82
C VAL B 408 14.84 -0.90 -6.28
N CYS B 409 14.30 -1.89 -5.59
CA CYS B 409 14.26 -1.77 -4.15
C CYS B 409 15.60 -2.12 -3.50
N PRO B 410 16.32 -3.13 -4.03
CA PRO B 410 17.72 -3.27 -3.62
C PRO B 410 18.54 -1.98 -3.84
N VAL B 411 18.34 -1.30 -4.97
CA VAL B 411 19.04 -0.02 -5.22
C VAL B 411 18.64 1.01 -4.18
N ALA B 412 17.35 1.16 -3.92
CA ALA B 412 16.85 2.10 -2.91
C ALA B 412 17.48 1.85 -1.54
N GLN B 413 17.54 0.58 -1.15
CA GLN B 413 18.17 0.20 0.11
C GLN B 413 19.67 0.50 0.11
N LEU B 414 20.36 0.19 -0.98
CA LEU B 414 21.77 0.44 -1.03
C LEU B 414 22.00 1.94 -0.90
N ALA B 415 21.31 2.73 -1.72
CA ALA B 415 21.49 4.17 -1.73
C ALA B 415 21.20 4.75 -0.33
N GLY B 416 20.11 4.28 0.27
CA GLY B 416 19.78 4.65 1.64
C GLY B 416 20.90 4.45 2.66
N ARG B 417 21.46 3.25 2.72
CA ARG B 417 22.48 2.95 3.72
C ARG B 417 23.80 3.69 3.47
N LEU B 418 24.24 3.75 2.21
CA LEU B 418 25.46 4.50 1.90
C LEU B 418 25.31 5.98 2.31
N ALA B 419 24.16 6.58 2.02
CA ALA B 419 23.99 7.99 2.36
C ALA B 419 24.06 8.17 3.88
N ALA B 420 23.23 7.42 4.60
CA ALA B 420 23.25 7.38 6.06
C ALA B 420 24.67 7.25 6.65
N GLN B 421 25.52 6.44 6.03
CA GLN B 421 26.83 6.17 6.61
C GLN B 421 28.00 6.99 6.04
N GLY B 422 27.68 8.14 5.43
CA GLY B 422 28.68 9.12 5.02
C GLY B 422 29.13 9.09 3.57
N ALA B 423 28.66 8.13 2.78
CA ALA B 423 28.96 8.15 1.34
C ALA B 423 28.25 9.31 0.65
N ARG B 424 28.85 9.79 -0.43
CA ARG B 424 28.21 10.78 -1.26
C ARG B 424 27.53 10.01 -2.39
N VAL B 425 26.21 10.11 -2.45
CA VAL B 425 25.42 9.33 -3.39
C VAL B 425 24.64 10.20 -4.43
N TYR B 426 24.72 9.80 -5.71
CA TYR B 426 23.84 10.34 -6.72
C TYR B 426 22.99 9.22 -7.34
N ALA B 427 21.70 9.48 -7.48
CA ALA B 427 20.75 8.49 -8.02
C ALA B 427 20.03 8.97 -9.27
N TYR B 428 19.60 8.02 -10.08
CA TYR B 428 18.90 8.34 -11.32
C TYR B 428 17.91 7.26 -11.69
N ILE B 429 16.97 7.62 -12.56
CA ILE B 429 16.16 6.66 -13.26
C ILE B 429 16.28 6.97 -14.74
N PHE B 430 16.51 5.95 -15.55
CA PHE B 430 16.74 6.14 -16.97
C PHE B 430 15.46 5.80 -17.72
N GLU B 431 14.88 6.76 -18.43
CA GLU B 431 13.51 6.57 -18.96
C GLU B 431 13.40 6.66 -20.49
N HIS B 432 14.52 6.81 -21.19
CA HIS B 432 14.47 6.83 -22.64
C HIS B 432 14.53 5.43 -23.24
N ARG B 433 13.59 5.15 -24.13
CA ARG B 433 13.57 3.90 -24.89
C ARG B 433 14.27 4.14 -26.22
N ALA B 434 15.39 3.44 -26.46
CA ALA B 434 16.12 3.62 -27.73
C ALA B 434 15.20 3.46 -28.94
N SER B 435 15.36 4.32 -29.94
CA SER B 435 14.54 4.26 -31.16
C SER B 435 14.84 2.97 -31.91
N THR B 436 16.12 2.59 -31.92
CA THR B 436 16.60 1.41 -32.65
C THR B 436 16.18 0.07 -32.03
N LEU B 437 15.42 0.11 -30.93
CA LEU B 437 15.11 -1.08 -30.14
C LEU B 437 14.23 -2.11 -30.87
N THR B 438 14.59 -3.39 -30.76
CA THR B 438 13.84 -4.48 -31.42
C THR B 438 12.90 -5.29 -30.50
N TRP B 439 12.91 -5.02 -29.19
CA TRP B 439 11.96 -5.65 -28.29
C TRP B 439 10.64 -4.90 -28.39
N PRO B 440 9.50 -5.55 -28.06
CA PRO B 440 8.20 -4.89 -28.24
C PRO B 440 7.99 -3.71 -27.29
N LEU B 441 7.15 -2.76 -27.71
CA LEU B 441 6.84 -1.55 -26.93
C LEU B 441 6.51 -1.81 -25.47
N TRP B 442 5.77 -2.87 -25.21
CA TRP B 442 5.25 -3.06 -23.86
C TRP B 442 6.36 -3.28 -22.83
N MET B 443 7.53 -3.69 -23.30
CA MET B 443 8.67 -3.91 -22.43
C MET B 443 9.31 -2.59 -22.01
N GLY B 444 8.97 -1.50 -22.71
CA GLY B 444 9.44 -0.16 -22.39
C GLY B 444 10.95 0.02 -22.55
N VAL B 445 11.61 0.38 -21.45
CA VAL B 445 13.06 0.53 -21.39
C VAL B 445 13.62 -0.63 -20.56
N PRO B 446 14.01 -1.73 -21.21
CA PRO B 446 14.34 -2.92 -20.45
C PRO B 446 15.74 -2.89 -19.85
N HIS B 447 15.96 -3.83 -18.94
CA HIS B 447 17.24 -4.08 -18.29
C HIS B 447 18.37 -4.17 -19.30
N GLY B 448 19.26 -3.18 -19.28
CA GLY B 448 20.47 -3.22 -20.09
C GLY B 448 20.52 -2.11 -21.10
N TYR B 449 19.39 -1.49 -21.39
CA TYR B 449 19.32 -0.57 -22.53
C TYR B 449 19.62 0.91 -22.31
N GLU B 450 20.31 1.22 -21.20
CA GLU B 450 20.94 2.54 -21.02
C GLU B 450 22.40 2.49 -21.45
N ILE B 451 22.98 1.29 -21.43
CA ILE B 451 24.41 1.12 -21.68
C ILE B 451 24.85 1.74 -23.01
N GLU B 452 24.13 1.45 -24.09
CA GLU B 452 24.50 2.02 -25.38
C GLU B 452 24.59 3.57 -25.34
N PHE B 453 23.75 4.20 -24.52
CA PHE B 453 23.80 5.66 -24.39
C PHE B 453 25.01 6.17 -23.58
N ILE B 454 25.22 5.62 -22.39
CA ILE B 454 26.41 5.93 -21.57
C ILE B 454 27.69 5.76 -22.36
N PHE B 455 27.78 4.69 -23.17
CA PHE B 455 28.98 4.44 -23.97
C PHE B 455 29.11 5.32 -25.21
N GLY B 456 28.01 5.96 -25.58
CA GLY B 456 28.00 6.97 -26.62
C GLY B 456 27.84 6.42 -28.02
N LEU B 457 27.20 5.27 -28.15
CA LEU B 457 27.06 4.64 -29.46
C LEU B 457 26.22 5.46 -30.45
N PRO B 458 25.24 6.24 -29.95
CA PRO B 458 24.53 7.14 -30.85
C PRO B 458 25.38 8.19 -31.56
N LEU B 459 26.66 8.30 -31.23
CA LEU B 459 27.55 9.21 -31.94
C LEU B 459 28.05 8.64 -33.28
N ASP B 460 28.00 7.33 -33.42
CA ASP B 460 28.26 6.68 -34.70
C ASP B 460 27.03 6.86 -35.58
N PRO B 461 27.16 7.70 -36.65
CA PRO B 461 25.99 8.11 -37.44
C PRO B 461 25.36 6.92 -38.17
N SER B 462 26.19 5.93 -38.51
CA SER B 462 25.77 4.72 -39.20
C SER B 462 25.05 3.71 -38.29
N LEU B 463 24.56 4.13 -37.13
CA LEU B 463 23.77 3.23 -36.30
C LEU B 463 22.32 3.68 -36.29
N ASN B 464 22.04 4.72 -37.08
CA ASN B 464 20.69 5.27 -37.26
C ASN B 464 19.96 5.63 -35.95
N TYR B 465 20.67 6.27 -35.02
CA TYR B 465 20.06 6.90 -33.85
C TYR B 465 19.62 8.28 -34.27
N THR B 466 18.54 8.78 -33.67
CA THR B 466 18.04 10.12 -33.98
C THR B 466 19.05 11.17 -33.50
N THR B 467 18.92 12.38 -34.03
CA THR B 467 19.75 13.51 -33.61
C THR B 467 19.56 13.83 -32.13
N GLU B 468 18.32 13.70 -31.64
CA GLU B 468 18.01 13.90 -30.23
C GLU B 468 18.87 12.96 -29.38
N GLU B 469 18.97 11.71 -29.82
CA GLU B 469 19.67 10.67 -29.07
C GLU B 469 21.18 10.86 -29.03
N ARG B 470 21.74 11.45 -30.08
CA ARG B 470 23.16 11.78 -30.13
C ARG B 470 23.48 12.79 -29.01
N ILE B 471 22.62 13.80 -28.86
CA ILE B 471 22.76 14.86 -27.84
C ILE B 471 22.62 14.28 -26.43
N PHE B 472 21.60 13.47 -26.22
CA PHE B 472 21.36 12.83 -24.95
C PHE B 472 22.59 11.99 -24.54
N ALA B 473 23.15 11.28 -25.51
CA ALA B 473 24.31 10.43 -25.26
C ALA B 473 25.50 11.28 -24.84
N GLN B 474 25.62 12.46 -25.44
CA GLN B 474 26.71 13.35 -25.06
C GLN B 474 26.54 13.85 -23.62
N ARG B 475 25.29 14.14 -23.26
CA ARG B 475 24.99 14.57 -21.91
C ARG B 475 25.36 13.47 -20.95
N LEU B 476 25.02 12.23 -21.28
CA LEU B 476 25.25 11.16 -20.33
C LEU B 476 26.73 10.86 -20.19
N MET B 477 27.45 10.87 -21.31
CA MET B 477 28.89 10.69 -21.26
C MET B 477 29.54 11.75 -20.35
N LYS B 478 29.00 12.96 -20.40
CA LYS B 478 29.47 14.07 -19.56
C LYS B 478 29.17 13.83 -18.09
N TYR B 479 28.00 13.30 -17.77
CA TYR B 479 27.70 13.03 -16.38
C TYR B 479 28.67 11.98 -15.81
N TRP B 480 28.82 10.84 -16.51
CA TRP B 480 29.62 9.70 -16.04
C TRP B 480 31.09 10.09 -15.92
N THR B 481 31.64 10.74 -16.95
CA THR B 481 33.04 11.12 -16.89
C THR B 481 33.29 12.30 -15.94
N ASN B 482 32.31 13.19 -15.80
CA ASN B 482 32.44 14.28 -14.82
C ASN B 482 32.54 13.68 -13.46
N PHE B 483 31.68 12.68 -13.23
CA PHE B 483 31.68 11.98 -11.99
C PHE B 483 33.02 11.30 -11.77
N ALA B 484 33.61 10.76 -12.83
CA ALA B 484 34.89 10.07 -12.70
C ALA B 484 36.00 11.06 -12.30
N ARG B 485 35.97 12.25 -12.90
CA ARG B 485 36.97 13.28 -12.62
C ARG B 485 36.91 13.84 -11.20
N THR B 486 35.70 13.92 -10.62
CA THR B 486 35.49 14.79 -9.45
C THR B 486 34.58 14.23 -8.37
N GLY B 487 33.88 13.15 -8.69
CA GLY B 487 32.92 12.57 -7.78
C GLY B 487 31.56 13.24 -7.82
N ASP B 488 31.39 14.18 -8.76
CA ASP B 488 30.18 14.96 -8.90
C ASP B 488 29.84 14.95 -10.39
N PRO B 489 28.64 14.44 -10.76
CA PRO B 489 28.32 14.34 -12.17
C PRO B 489 28.05 15.71 -12.82
N ASN B 490 27.80 16.72 -11.98
CA ASN B 490 27.52 18.06 -12.47
C ASN B 490 28.71 18.73 -13.16
N ASP B 491 28.41 19.46 -14.22
CA ASP B 491 29.42 20.14 -15.03
C ASP B 491 29.94 21.35 -14.25
N PRO B 492 31.23 21.33 -13.83
CA PRO B 492 31.79 22.33 -12.91
C PRO B 492 31.97 23.73 -13.53
N ARG B 493 31.80 23.86 -14.85
CA ARG B 493 31.92 25.16 -15.52
C ARG B 493 30.60 25.67 -16.16
N ASP B 494 29.56 24.83 -16.13
CA ASP B 494 28.23 25.18 -16.66
C ASP B 494 27.28 25.75 -15.57
N SER B 495 26.31 26.55 -16.01
CA SER B 495 25.27 27.06 -15.11
C SER B 495 23.85 26.48 -15.39
N LYS B 496 22.81 27.24 -15.03
CA LYS B 496 21.38 26.90 -15.27
C LYS B 496 21.00 25.46 -14.82
N SER B 497 21.48 24.48 -15.58
CA SER B 497 21.34 23.00 -15.34
C SER B 497 19.93 22.31 -15.55
N PRO B 498 19.05 22.18 -14.51
CA PRO B 498 19.15 22.29 -13.06
C PRO B 498 20.18 21.30 -12.54
N GLN B 499 20.65 21.53 -11.31
CA GLN B 499 21.69 20.69 -10.73
C GLN B 499 21.18 19.32 -10.30
N TRP B 500 22.03 18.33 -10.42
CA TRP B 500 21.75 16.98 -9.96
C TRP B 500 22.16 16.92 -8.49
N PRO B 501 21.17 16.83 -7.58
CA PRO B 501 21.50 16.88 -6.17
C PRO B 501 21.86 15.51 -5.59
N PRO B 502 22.64 15.50 -4.49
CA PRO B 502 22.98 14.21 -3.89
C PRO B 502 21.77 13.50 -3.29
N TYR B 503 21.80 12.18 -3.32
CA TYR B 503 20.77 11.39 -2.67
C TYR B 503 21.06 11.40 -1.19
N THR B 504 20.04 11.66 -0.40
CA THR B 504 20.17 11.72 1.04
C THR B 504 18.99 10.96 1.62
N THR B 505 19.10 10.48 2.85
CA THR B 505 18.02 9.64 3.40
C THR B 505 16.81 10.52 3.71
N ALA B 506 17.06 11.77 4.10
CA ALA B 506 16.00 12.72 4.39
C ALA B 506 15.21 13.07 3.14
N ALA B 507 15.89 13.69 2.17
CA ALA B 507 15.23 14.25 1.00
C ALA B 507 14.98 13.26 -0.13
N GLN B 508 15.80 12.21 -0.22
CA GLN B 508 15.67 11.13 -1.22
C GLN B 508 15.60 11.60 -2.67
N GLN B 509 16.40 12.62 -3.00
CA GLN B 509 16.40 13.18 -4.34
C GLN B 509 17.14 12.33 -5.37
N TYR B 510 16.50 12.13 -6.52
CA TYR B 510 17.12 11.48 -7.66
C TYR B 510 16.69 12.20 -8.92
N VAL B 511 17.28 11.87 -10.06
CA VAL B 511 16.92 12.57 -11.30
C VAL B 511 16.48 11.61 -12.37
N SER B 512 15.76 12.11 -13.35
CA SER B 512 15.40 11.29 -14.49
C SER B 512 16.26 11.64 -15.68
N LEU B 513 16.83 10.61 -16.30
CA LEU B 513 17.60 10.79 -17.50
C LEU B 513 16.73 10.38 -18.69
N ASN B 514 16.19 11.37 -19.39
CA ASN B 514 15.39 11.15 -20.58
C ASN B 514 15.78 12.23 -21.56
N LEU B 515 15.00 12.42 -22.64
CA LEU B 515 15.35 13.43 -23.66
C LEU B 515 15.19 14.88 -23.17
N LYS B 516 14.18 15.10 -22.32
CA LYS B 516 13.98 16.37 -21.62
C LYS B 516 15.18 16.67 -20.69
N PRO B 517 15.34 17.94 -20.24
CA PRO B 517 16.45 18.21 -19.33
C PRO B 517 16.17 17.61 -17.95
N LEU B 518 17.16 17.61 -17.07
CA LEU B 518 17.05 16.96 -15.78
C LEU B 518 15.83 17.41 -15.00
N GLU B 519 15.12 16.44 -14.46
CA GLU B 519 14.04 16.73 -13.54
C GLU B 519 14.38 16.00 -12.22
N VAL B 520 14.22 16.71 -11.11
CA VAL B 520 14.50 16.19 -9.76
C VAL B 520 13.22 15.65 -9.11
N ARG B 521 13.25 14.40 -8.71
CA ARG B 521 12.12 13.77 -8.04
C ARG B 521 12.54 13.33 -6.63
N ARG B 522 11.57 12.89 -5.83
CA ARG B 522 11.85 12.55 -4.45
C ARG B 522 11.21 11.22 -4.10
N GLY B 523 12.00 10.31 -3.53
CA GLY B 523 11.54 8.98 -3.21
C GLY B 523 11.55 8.05 -4.39
N LEU B 524 12.39 7.02 -4.28
CA LEU B 524 12.49 6.01 -5.31
C LEU B 524 11.54 4.89 -4.99
N ARG B 525 10.35 4.94 -5.56
CA ARG B 525 9.29 3.97 -5.25
C ARG B 525 9.16 3.81 -3.73
N ALA B 526 9.07 4.92 -2.99
CA ALA B 526 9.23 4.84 -1.53
C ALA B 526 8.23 3.94 -0.83
N GLN B 527 6.94 4.10 -1.15
CA GLN B 527 5.93 3.22 -0.56
C GLN B 527 6.20 1.75 -0.91
N THR B 528 6.39 1.48 -2.20
CA THR B 528 6.58 0.10 -2.64
C THR B 528 7.86 -0.52 -2.06
N CYS B 529 8.95 0.25 -2.00
CA CYS B 529 10.19 -0.30 -1.48
C CYS B 529 10.10 -0.59 0.00
N ALA B 530 9.39 0.26 0.73
CA ALA B 530 9.08 -0.02 2.12
C ALA B 530 8.41 -1.39 2.26
N PHE B 531 7.48 -1.72 1.37
CA PHE B 531 6.89 -3.04 1.36
C PHE B 531 7.99 -4.12 1.21
N TRP B 532 8.89 -3.92 0.22
CA TRP B 532 9.86 -4.95 -0.13
C TRP B 532 10.98 -5.04 0.88
N ASN B 533 11.43 -3.88 1.36
CA ASN B 533 12.60 -3.80 2.22
C ASN B 533 12.27 -3.92 3.70
N ARG B 534 11.07 -3.52 4.09
CA ARG B 534 10.71 -3.45 5.50
C ARG B 534 9.64 -4.45 5.91
N PHE B 535 8.69 -4.72 5.02
CA PHE B 535 7.59 -5.62 5.37
C PHE B 535 7.84 -7.08 5.07
N LEU B 536 7.91 -7.44 3.79
CA LEU B 536 8.11 -8.82 3.37
C LEU B 536 9.15 -9.61 4.17
N PRO B 537 10.33 -9.02 4.46
CA PRO B 537 11.29 -9.73 5.33
C PRO B 537 10.64 -10.26 6.61
N LYS B 538 9.88 -9.41 7.30
CA LYS B 538 9.18 -9.84 8.51
C LYS B 538 8.16 -10.93 8.20
N LEU B 539 7.58 -10.88 7.01
CA LEU B 539 6.54 -11.83 6.63
C LEU B 539 7.07 -13.24 6.37
N LEU B 540 7.80 -13.44 5.28
CA LEU B 540 8.53 -14.69 5.07
C LEU B 540 9.71 -14.75 6.06
N SER B 541 9.48 -15.37 7.22
CA SER B 541 10.44 -15.36 8.33
C SER B 541 10.26 -16.57 9.25
O1 P6G C . 1.62 1.62 0.82
C2 P6G C . 2.44 0.32 1.26
C3 P6G C . 3.35 0.52 2.34
O4 P6G C . 3.88 -0.76 2.72
C5 P6G C . 3.30 -1.48 3.98
C6 P6G C . 3.14 -2.91 3.82
O7 P6G C . 1.80 -3.28 3.40
C8 P6G C . 1.28 -4.69 3.89
C9 P6G C . 0.75 -5.65 2.94
O10 P6G C . 0.09 -4.97 1.87
C11 P6G C . -1.04 -5.76 1.04
C12 P6G C . -2.25 -4.95 0.53
O13 P6G C . -1.85 -3.65 0.06
C14 P6G C . -3.02 -2.72 -0.29
C15 P6G C . -2.91 -1.89 -1.45
O16 P6G C . -1.71 -1.11 -1.30
C17 P6G C . -1.12 -0.56 -2.67
C18 P6G C . 0.17 0.32 -2.59
O19 P6G C . 0.52 1.57 -1.95
N3 TZ4 D . -12.90 7.92 33.02
C19 TZ4 D . -13.89 7.27 32.31
C18 TZ4 D . -14.99 6.58 32.94
C17 TZ4 D . -15.96 5.95 32.15
C16 TZ4 D . -15.94 5.93 30.71
C14 TZ4 D . -14.85 6.63 30.09
C15 TZ4 D . -13.84 7.26 30.92
C7 TZ4 D . -14.90 6.97 28.69
C8 TZ4 D . -13.72 7.73 28.14
C9 TZ4 D . -13.73 9.15 28.24
C10 TZ4 D . -12.65 9.89 27.79
C11 TZ4 D . -11.55 9.22 27.24
C12 TZ4 D . -11.52 7.81 27.14
C13 TZ4 D . -12.60 7.06 27.60
C4 TZ4 D . -17.09 5.52 29.88
C3 TZ4 D . -18.00 4.50 30.32
C2 TZ4 D . -18.79 3.76 29.47
C1 TZ4 D . -18.74 4.02 28.08
N1 TZ4 D . -19.52 3.27 27.22
C6 TZ4 D . -17.07 5.83 28.46
C5 TZ4 D . -17.90 5.02 27.61
N2 TZ4 D . -15.97 6.58 27.94
C20 TZ4 D . -15.98 6.95 26.49
C21 TZ4 D . -15.44 5.92 25.52
C22 TZ4 D . -15.26 6.55 24.14
C23 TZ4 D . -16.53 6.49 23.31
C24 TZ4 D . -17.13 7.85 23.01
C25 TZ4 D . -16.38 8.69 21.97
C26 TZ4 D . -17.21 9.05 20.75
N4 TZ4 D . -18.43 8.55 20.43
N5 TZ4 D . -18.73 9.15 19.29
N6 TZ4 D . -17.75 10.01 18.90
C27 TZ4 D . -16.75 9.96 19.80
C28 TZ4 D . -17.58 10.89 17.67
C29 TZ4 D . -17.79 12.44 17.65
N7 TZ4 D . -19.22 12.81 17.45
C30 TZ4 D . -20.08 12.27 18.39
C31 TZ4 D . -21.25 11.59 17.97
C32 TZ4 D . -21.52 11.20 16.61
C33 TZ4 D . -22.11 11.02 18.98
C34 TZ4 D . -23.21 10.15 18.64
C35 TZ4 D . -23.43 9.82 17.32
C36 TZ4 D . -22.57 10.36 16.31
N8 TZ4 D . -21.79 11.08 20.30
C37 TZ4 D . -20.66 11.67 20.69
C38 TZ4 D . -20.41 11.70 22.10
C39 TZ4 D . -19.79 12.35 19.77
C40 TZ4 D . -18.72 13.17 20.31
C41 TZ4 D . -18.52 13.21 21.65
C42 TZ4 D . -19.26 12.34 22.54
N3 TZ4 E . 16.69 -25.11 -22.16
C19 TZ4 E . 17.55 -24.33 -21.39
C18 TZ4 E . 18.86 -24.81 -21.04
C17 TZ4 E . 19.70 -24.00 -20.27
C16 TZ4 E . 19.35 -22.67 -19.81
C14 TZ4 E . 18.03 -22.20 -20.16
C15 TZ4 E . 17.17 -23.05 -20.96
C7 TZ4 E . 17.68 -20.84 -19.92
C8 TZ4 E . 16.28 -20.36 -20.31
C9 TZ4 E . 16.06 -19.82 -21.60
C10 TZ4 E . 14.77 -19.39 -21.97
C11 TZ4 E . 13.70 -19.50 -21.04
C12 TZ4 E . 13.92 -20.04 -19.76
C13 TZ4 E . 15.21 -20.47 -19.40
C4 TZ4 E . 20.34 -21.79 -19.19
C3 TZ4 E . 21.34 -22.35 -18.31
C2 TZ4 E . 21.89 -21.70 -17.23
C1 TZ4 E . 21.48 -20.37 -16.94
N1 TZ4 E . 22.01 -19.68 -15.87
C6 TZ4 E . 19.93 -20.41 -18.92
C5 TZ4 E . 20.54 -19.78 -17.79
N2 TZ4 E . 18.62 -20.02 -19.34
C20 TZ4 E . 18.23 -18.59 -19.10
C21 TZ4 E . 17.92 -18.10 -17.68
C22 TZ4 E . 18.60 -16.72 -17.52
C23 TZ4 E . 17.61 -15.60 -17.78
C24 TZ4 E . 18.21 -14.20 -17.80
C25 TZ4 E . 18.24 -13.59 -19.19
C26 TZ4 E . 18.50 -12.11 -19.08
N4 TZ4 E . 19.66 -11.64 -18.59
N5 TZ4 E . 19.51 -10.33 -18.65
N6 TZ4 E . 18.31 -9.98 -19.15
C27 TZ4 E . 17.61 -11.10 -19.43
C28 TZ4 E . 17.73 -8.61 -19.39
C29 TZ4 E . 17.64 -7.97 -20.82
N7 TZ4 E . 18.95 -7.53 -21.42
C30 TZ4 E . 19.97 -8.46 -21.39
C31 TZ4 E . 21.14 -8.10 -20.65
C32 TZ4 E . 21.36 -6.84 -20.01
C33 TZ4 E . 22.21 -9.06 -20.55
C34 TZ4 E . 23.42 -8.75 -19.83
C35 TZ4 E . 23.58 -7.53 -19.22
C36 TZ4 E . 22.52 -6.58 -19.33
N8 TZ4 E . 22.12 -10.29 -21.11
C37 TZ4 E . 21.01 -10.65 -21.75
C38 TZ4 E . 20.87 -12.05 -22.05
C39 TZ4 E . 19.90 -9.75 -21.98
C40 TZ4 E . 18.71 -10.27 -22.62
C41 TZ4 E . 18.62 -11.60 -22.91
C42 TZ4 E . 19.69 -12.51 -22.57
#